data_2XS1
#
_entry.id   2XS1
#
_cell.length_a   145.281
_cell.length_b   99.271
_cell.length_c   72.521
_cell.angle_alpha   90.00
_cell.angle_beta   106.62
_cell.angle_gamma   90.00
#
_symmetry.space_group_name_H-M   'C 1 2 1'
#
loop_
_entity.id
_entity.type
_entity.pdbx_description
1 polymer 'PROGRAMMED CELL DEATH 6-INTERACTING PROTEIN'
2 polymer 'GAG POLYPROTEIN'
3 water water
#
loop_
_entity_poly.entity_id
_entity_poly.type
_entity_poly.pdbx_seq_one_letter_code
_entity_poly.pdbx_strand_id
1 'polypeptide(L)'
;GIDPFTMATFISVQLKKTSEVDLAKPLVKFIQQTYPSGGEEQAQYCRAAEELSKLRRAAVGRPLDKHEGALETLLRYYDQ
ICSIEPKFPFSENQICLTFTWKDAFDKGSLFGGSVKLALASLGYEKSCVLFNCAALASQIAAEQNLDNDEGLKIAAKHYQ
FASGAFLHIKETVLSALSREPTVDISPDTVGTLSLIMLAQAQEVFFLKATRDKMKDAIIAKLANQAADYFGDAFKQCQYK
DTLPKEVFPVLAAKHCIMQANAEYHQSILAKQQYYFGEEIARLQHAAELIKTVASRYDEYVNVKDFSDKINRALAAAKKD
NDFIYHDRVPDLKDLDPIGKATLVKSTPVNVPISQKFTDLFEKMVPVSVQQSLAAYNQRKADLVNRSIAQMREATTLANG
VLASLNLPAAIEDVSGDTVPQSILTKSRSVIEQGGIQTVDQLIKELPELLQRNREILDESLRLLDEEEATDNDLRAKFKE
RWQRTPSNELYKPLRAEGTNFRTVLDKAVQADGQVKECYQSHRDTIVLLCKPEPELNAAIPSANPAKTMQGSEVVNVLKS
LLSNLDEVKKEREGLENDLKSVNFDMTSKFLTALAQDGVINEEALSVTELDRVYGGLTTKVQESLKKQEGLLKNIQVSHQ
EFSKMKQSNNEANLREEVLKNLATAYDNFVELVANLKEGTKFYNELTEILVRFQNKCSDIVFAR
;
A
2 'polypeptide(L)' SREKPYKEVTEDLLHLNSLF B
#
# COMPACT_ATOMS: atom_id res chain seq x y z
N ALA A 8 -0.98 38.25 34.68
CA ALA A 8 -0.54 37.64 33.43
C ALA A 8 -1.34 36.39 33.14
N THR A 9 -2.56 36.56 32.63
CA THR A 9 -3.42 35.41 32.37
C THR A 9 -3.61 35.10 30.89
N PHE A 10 -2.92 34.08 30.42
CA PHE A 10 -3.04 33.62 29.05
C PHE A 10 -3.77 32.27 29.02
N ILE A 11 -4.58 32.04 27.99
CA ILE A 11 -5.30 30.79 27.91
C ILE A 11 -4.36 29.71 27.38
N SER A 12 -4.37 28.54 28.00
CA SER A 12 -3.73 27.36 27.41
C SER A 12 -4.68 26.17 27.42
N VAL A 13 -4.29 25.11 26.70
CA VAL A 13 -5.14 23.95 26.50
C VAL A 13 -4.53 22.72 27.16
N GLN A 14 -5.37 21.90 27.79
CA GLN A 14 -4.90 20.69 28.45
C GLN A 14 -4.71 19.54 27.46
N LEU A 15 -3.75 18.67 27.74
CA LEU A 15 -3.47 17.51 26.88
C LEU A 15 -4.58 16.45 26.94
N LYS A 16 -4.87 15.88 25.78
CA LYS A 16 -5.73 14.70 25.64
C LYS A 16 -5.11 13.47 26.29
N LYS A 17 -5.95 12.62 26.89
CA LYS A 17 -5.52 11.33 27.42
C LYS A 17 -5.78 10.20 26.43
N THR A 18 -4.85 9.24 26.36
CA THR A 18 -5.01 8.05 25.53
C THR A 18 -4.59 6.80 26.29
N SER A 19 -5.23 5.67 26.02
CA SER A 19 -4.78 4.42 26.62
C SER A 19 -3.65 3.84 25.79
N GLU A 20 -2.71 3.19 26.47
CA GLU A 20 -1.61 2.53 25.78
C GLU A 20 -2.11 1.39 24.89
N VAL A 21 -1.59 1.33 23.67
CA VAL A 21 -1.89 0.22 22.79
C VAL A 21 -0.59 -0.31 22.21
N ASP A 22 -0.60 -1.58 21.83
CA ASP A 22 0.58 -2.25 21.31
C ASP A 22 0.84 -1.87 19.86
N LEU A 23 1.80 -0.98 19.63
CA LEU A 23 2.08 -0.47 18.29
C LEU A 23 2.76 -1.50 17.39
N ALA A 24 3.79 -2.17 17.91
CA ALA A 24 4.52 -3.17 17.14
C ALA A 24 3.60 -4.24 16.54
N LYS A 25 2.91 -4.96 17.40
CA LYS A 25 2.12 -6.16 17.04
C LYS A 25 1.47 -6.20 15.64
N PRO A 26 0.45 -5.36 15.37
CA PRO A 26 -0.18 -5.45 14.04
C PRO A 26 0.78 -4.99 12.95
N LEU A 27 1.84 -4.29 13.35
CA LEU A 27 2.84 -3.80 12.40
C LEU A 27 3.81 -4.90 12.02
N VAL A 28 4.39 -5.57 13.01
CA VAL A 28 5.30 -6.67 12.78
C VAL A 28 4.57 -7.80 12.08
N LYS A 29 3.32 -8.03 12.47
CA LYS A 29 2.52 -9.06 11.83
C LYS A 29 2.49 -8.83 10.34
N PHE A 30 2.08 -7.64 9.92
CA PHE A 30 2.09 -7.29 8.50
C PHE A 30 3.51 -7.34 7.92
N ILE A 31 4.47 -6.79 8.66
CA ILE A 31 5.87 -6.76 8.23
C ILE A 31 6.35 -8.10 7.68
N GLN A 32 6.23 -9.15 8.49
CA GLN A 32 6.71 -10.47 8.14
C GLN A 32 5.89 -11.09 7.01
N GLN A 33 4.58 -10.86 7.03
CA GLN A 33 3.70 -11.36 5.98
C GLN A 33 4.18 -10.93 4.59
N THR A 34 4.87 -9.80 4.52
CA THR A 34 5.16 -9.15 3.25
C THR A 34 6.66 -9.20 2.85
N TYR A 35 7.45 -10.00 3.56
CA TYR A 35 8.90 -9.98 3.35
C TYR A 35 9.59 -11.35 3.60
N PRO A 36 10.93 -11.42 3.48
CA PRO A 36 11.59 -12.71 3.55
C PRO A 36 11.81 -13.14 5.00
N SER A 37 11.50 -14.39 5.34
CA SER A 37 11.78 -14.88 6.68
C SER A 37 13.27 -14.76 6.95
N GLY A 38 13.63 -14.14 8.07
CA GLY A 38 15.03 -13.92 8.40
C GLY A 38 15.66 -12.87 7.50
N GLY A 39 15.00 -12.58 6.38
CA GLY A 39 15.46 -11.57 5.44
C GLY A 39 15.73 -10.25 6.13
N GLU A 40 16.69 -9.49 5.59
CA GLU A 40 17.15 -8.26 6.23
C GLU A 40 16.04 -7.23 6.47
N GLU A 41 14.91 -7.38 5.78
CA GLU A 41 13.79 -6.48 5.98
C GLU A 41 13.48 -6.39 7.46
N GLN A 42 13.01 -7.51 8.02
CA GLN A 42 12.76 -7.61 9.45
C GLN A 42 13.90 -6.97 10.25
N ALA A 43 15.14 -7.30 9.87
CA ALA A 43 16.32 -6.80 10.57
C ALA A 43 16.23 -5.31 10.93
N GLN A 44 15.70 -4.50 10.04
CA GLN A 44 15.57 -3.07 10.29
C GLN A 44 14.12 -2.67 10.57
N TYR A 45 13.20 -3.16 9.76
CA TYR A 45 11.79 -2.78 9.85
C TYR A 45 11.18 -3.15 11.20
N CYS A 46 11.33 -4.40 11.61
CA CYS A 46 10.80 -4.85 12.89
C CYS A 46 11.44 -4.09 14.03
N ARG A 47 12.68 -3.65 13.81
CA ARG A 47 13.41 -2.87 14.81
C ARG A 47 12.94 -1.41 14.82
N ALA A 48 12.31 -0.98 13.73
CA ALA A 48 11.72 0.35 13.65
C ALA A 48 10.37 0.35 14.36
N ALA A 49 9.55 -0.65 14.05
CA ALA A 49 8.24 -0.79 14.67
C ALA A 49 8.32 -0.96 16.18
N GLU A 50 9.45 -1.51 16.65
CA GLU A 50 9.71 -1.63 18.07
C GLU A 50 9.96 -0.26 18.67
N GLU A 51 10.91 0.46 18.09
CA GLU A 51 11.28 1.77 18.57
C GLU A 51 10.10 2.72 18.44
N LEU A 52 9.18 2.38 17.53
CA LEU A 52 8.01 3.20 17.28
C LEU A 52 7.01 3.12 18.43
N SER A 53 6.72 1.91 18.88
CA SER A 53 5.78 1.73 19.98
C SER A 53 6.28 2.43 21.23
N LYS A 54 7.59 2.35 21.47
CA LYS A 54 8.21 3.03 22.62
C LYS A 54 8.04 4.54 22.51
N LEU A 55 8.02 5.04 21.28
CA LEU A 55 7.81 6.46 21.02
C LEU A 55 6.42 6.91 21.45
N ARG A 56 5.39 6.25 20.93
CA ARG A 56 4.02 6.50 21.32
C ARG A 56 3.85 6.53 22.84
N ARG A 57 4.33 5.51 23.51
CA ARG A 57 4.27 5.47 24.97
C ARG A 57 4.94 6.71 25.56
N ALA A 58 6.10 7.07 25.00
CA ALA A 58 6.88 8.19 25.51
C ALA A 58 6.18 9.54 25.25
N ALA A 59 5.51 9.65 24.11
CA ALA A 59 4.88 10.88 23.68
C ALA A 59 3.50 11.09 24.28
N VAL A 60 2.92 10.05 24.86
CA VAL A 60 1.51 10.10 25.25
C VAL A 60 1.19 9.43 26.59
N GLY A 61 2.08 8.53 27.04
CA GLY A 61 1.87 7.81 28.27
C GLY A 61 2.43 8.59 29.45
N ARG A 62 3.53 9.29 29.18
CA ARG A 62 4.25 10.00 30.22
C ARG A 62 3.39 11.03 30.96
N PRO A 63 3.72 11.26 32.24
CA PRO A 63 3.24 12.45 32.95
C PRO A 63 3.68 13.67 32.16
N LEU A 64 2.97 14.78 32.29
CA LEU A 64 3.12 15.89 31.35
C LEU A 64 4.18 16.93 31.76
N ASP A 65 5.16 17.11 30.88
CA ASP A 65 6.35 17.88 31.16
C ASP A 65 6.50 19.05 30.19
N LYS A 66 6.36 20.28 30.68
CA LYS A 66 6.42 21.48 29.84
C LYS A 66 7.85 21.80 29.37
N HIS A 67 8.49 20.81 28.79
CA HIS A 67 9.91 20.84 28.44
C HIS A 67 10.02 20.72 26.93
N GLU A 68 10.82 21.56 26.28
CA GLU A 68 10.92 21.49 24.83
C GLU A 68 11.33 20.09 24.37
N GLY A 69 12.09 19.38 25.21
CA GLY A 69 12.41 17.99 24.95
C GLY A 69 11.15 17.15 24.83
N ALA A 70 10.29 17.25 25.84
CA ALA A 70 8.99 16.61 25.81
C ALA A 70 8.11 17.06 24.62
N LEU A 71 8.28 18.31 24.17
CA LEU A 71 7.49 18.79 23.04
C LEU A 71 8.02 18.21 21.72
N GLU A 72 9.34 18.24 21.55
CA GLU A 72 9.96 17.57 20.38
C GLU A 72 9.60 16.07 20.25
N THR A 73 9.57 15.36 21.38
CA THR A 73 9.22 13.94 21.37
C THR A 73 7.82 13.74 20.79
N LEU A 74 6.92 14.64 21.17
CA LEU A 74 5.53 14.66 20.69
C LEU A 74 5.49 15.03 19.20
N LEU A 75 6.28 16.05 18.83
CA LEU A 75 6.37 16.47 17.45
C LEU A 75 6.96 15.34 16.59
N ARG A 76 8.08 14.79 17.04
CA ARG A 76 8.66 13.64 16.36
C ARG A 76 7.62 12.55 16.19
N TYR A 77 6.92 12.20 17.26
CA TYR A 77 5.87 11.19 17.11
C TYR A 77 4.80 11.57 16.09
N TYR A 78 4.42 12.84 16.00
CA TYR A 78 3.45 13.22 14.97
C TYR A 78 4.06 13.03 13.58
N ASP A 79 5.33 13.38 13.44
CA ASP A 79 6.04 13.22 12.20
C ASP A 79 6.10 11.76 11.76
N GLN A 80 6.65 10.91 12.63
CA GLN A 80 6.79 9.50 12.35
C GLN A 80 5.46 8.86 12.01
N ILE A 81 4.46 9.11 12.85
CA ILE A 81 3.13 8.57 12.60
C ILE A 81 2.64 8.96 11.19
N CYS A 82 2.76 10.23 10.82
CA CYS A 82 2.44 10.66 9.46
C CYS A 82 3.25 9.91 8.40
N SER A 83 4.53 9.68 8.69
CA SER A 83 5.44 9.12 7.69
C SER A 83 5.13 7.66 7.38
N ILE A 84 4.25 7.07 8.18
CA ILE A 84 3.91 5.65 8.11
C ILE A 84 2.68 5.37 7.24
N GLU A 85 1.79 6.35 7.13
CA GLU A 85 0.51 6.13 6.47
C GLU A 85 0.56 5.41 5.11
N PRO A 86 1.50 5.81 4.23
CA PRO A 86 1.55 5.23 2.87
C PRO A 86 2.10 3.81 2.86
N LYS A 87 2.79 3.44 3.93
CA LYS A 87 3.61 2.24 3.94
C LYS A 87 2.97 1.08 4.69
N PHE A 88 1.73 1.26 5.12
CA PHE A 88 0.92 0.18 5.68
C PHE A 88 -0.53 0.33 5.22
N PRO A 89 -1.23 -0.79 5.05
CA PRO A 89 -2.59 -0.84 4.46
C PRO A 89 -3.73 -0.51 5.42
N PHE A 90 -3.61 0.57 6.18
CA PHE A 90 -4.66 0.95 7.12
C PHE A 90 -6.05 1.05 6.48
N SER A 91 -6.10 1.62 5.29
CA SER A 91 -7.38 1.93 4.62
C SER A 91 -8.44 0.84 4.67
N GLU A 92 -8.12 -0.33 4.14
CA GLU A 92 -9.05 -1.46 4.15
C GLU A 92 -9.45 -1.84 5.57
N ASN A 93 -8.52 -1.64 6.50
CA ASN A 93 -8.79 -1.80 7.93
C ASN A 93 -8.78 -3.26 8.39
N GLN A 94 -8.55 -4.19 7.47
CA GLN A 94 -8.29 -5.57 7.86
C GLN A 94 -7.08 -5.54 8.80
N ILE A 95 -6.25 -4.52 8.62
CA ILE A 95 -5.21 -4.16 9.58
C ILE A 95 -5.84 -3.36 10.72
N CYS A 96 -6.19 -4.05 11.80
CA CYS A 96 -6.86 -3.37 12.90
C CYS A 96 -5.98 -3.18 14.13
N LEU A 97 -5.56 -1.94 14.33
CA LEU A 97 -4.97 -1.45 15.57
C LEU A 97 -5.89 -0.34 16.00
N THR A 98 -6.35 -0.38 17.26
CA THR A 98 -7.34 0.58 17.75
C THR A 98 -6.74 1.67 18.66
N PHE A 99 -7.09 2.92 18.36
CA PHE A 99 -6.61 4.06 19.15
C PHE A 99 -7.70 4.63 20.04
N THR A 100 -7.40 4.72 21.33
CA THR A 100 -8.38 5.19 22.30
C THR A 100 -7.96 6.52 22.96
N TRP A 101 -8.67 7.60 22.64
CA TRP A 101 -8.43 8.89 23.28
C TRP A 101 -9.65 9.40 24.03
N LYS A 102 -9.40 10.27 25.01
CA LYS A 102 -10.46 10.90 25.77
C LYS A 102 -10.54 12.38 25.41
N ASP A 103 -11.70 12.98 25.61
CA ASP A 103 -11.85 14.41 25.37
C ASP A 103 -10.97 15.20 26.33
N ALA A 104 -10.26 16.20 25.79
CA ALA A 104 -9.41 17.06 26.62
C ALA A 104 -10.23 17.80 27.66
N PHE A 105 -11.46 18.16 27.29
CA PHE A 105 -12.30 19.06 28.11
C PHE A 105 -13.42 18.35 28.87
N ASP A 106 -13.51 17.04 28.74
CA ASP A 106 -14.65 16.30 29.30
C ASP A 106 -15.97 16.86 28.78
N LYS A 107 -15.97 17.23 27.50
CA LYS A 107 -17.16 17.76 26.85
C LYS A 107 -17.90 16.68 26.06
N GLY A 108 -19.23 16.68 26.17
CA GLY A 108 -20.06 15.70 25.50
C GLY A 108 -21.41 16.29 25.14
N SER A 109 -21.95 15.85 24.01
CA SER A 109 -23.27 16.31 23.57
C SER A 109 -24.37 15.75 24.49
N LEU A 110 -24.10 14.58 25.08
CA LEU A 110 -25.01 14.00 26.07
C LEU A 110 -24.47 14.23 27.48
N PHE A 111 -25.37 14.37 28.45
CA PHE A 111 -25.00 14.77 29.80
C PHE A 111 -24.28 13.67 30.58
N GLY A 112 -23.04 13.97 30.96
CA GLY A 112 -22.22 13.05 31.71
C GLY A 112 -20.98 13.77 32.22
N GLY A 113 -19.95 13.01 32.58
CA GLY A 113 -18.72 13.60 33.06
C GLY A 113 -17.64 13.64 31.99
N SER A 114 -17.27 12.46 31.48
CA SER A 114 -16.21 12.33 30.50
C SER A 114 -16.60 11.40 29.34
N VAL A 115 -16.17 11.76 28.13
CA VAL A 115 -16.48 10.97 26.95
C VAL A 115 -15.21 10.49 26.27
N LYS A 116 -15.20 9.21 25.91
CA LYS A 116 -14.03 8.57 25.33
C LYS A 116 -14.40 8.10 23.93
N LEU A 117 -13.39 7.71 23.16
CA LEU A 117 -13.59 7.26 21.79
C LEU A 117 -12.39 6.48 21.30
N ALA A 118 -12.59 5.20 20.99
CA ALA A 118 -11.55 4.38 20.40
C ALA A 118 -11.85 4.17 18.94
N LEU A 119 -10.90 4.51 18.08
CA LEU A 119 -11.04 4.25 16.65
C LEU A 119 -9.76 3.67 16.06
N ALA A 120 -9.91 2.69 15.17
CA ALA A 120 -8.78 2.08 14.47
C ALA A 120 -8.44 2.83 13.18
N SER A 121 -8.50 4.15 13.26
CA SER A 121 -8.19 5.04 12.15
C SER A 121 -6.95 5.89 12.46
N LEU A 122 -5.90 5.72 11.66
CA LEU A 122 -4.67 6.48 11.85
C LEU A 122 -4.94 7.98 11.76
N GLY A 123 -5.95 8.36 10.99
CA GLY A 123 -6.37 9.73 10.87
C GLY A 123 -6.77 10.28 12.22
N TYR A 124 -7.43 9.46 13.03
CA TYR A 124 -7.86 9.84 14.36
C TYR A 124 -6.65 10.01 15.28
N GLU A 125 -5.76 9.02 15.27
CA GLU A 125 -4.51 9.12 15.99
C GLU A 125 -3.75 10.42 15.67
N LYS A 126 -3.64 10.73 14.37
CA LYS A 126 -2.90 11.90 13.89
C LYS A 126 -3.46 13.21 14.44
N SER A 127 -4.78 13.32 14.44
CA SER A 127 -5.43 14.53 14.91
C SER A 127 -5.19 14.72 16.40
N CYS A 128 -5.32 13.66 17.17
CA CYS A 128 -5.12 13.75 18.61
C CYS A 128 -3.68 14.09 18.97
N VAL A 129 -2.73 13.50 18.27
CA VAL A 129 -1.32 13.81 18.51
C VAL A 129 -1.04 15.29 18.20
N LEU A 130 -1.55 15.77 17.08
CA LEU A 130 -1.31 17.17 16.70
C LEU A 130 -1.94 18.10 17.74
N PHE A 131 -3.16 17.78 18.17
CA PHE A 131 -3.85 18.53 19.21
C PHE A 131 -2.99 18.65 20.46
N ASN A 132 -2.49 17.52 20.94
CA ASN A 132 -1.55 17.54 22.06
C ASN A 132 -0.30 18.37 21.79
N CYS A 133 0.17 18.35 20.55
CA CYS A 133 1.27 19.20 20.14
C CYS A 133 0.88 20.67 20.31
N ALA A 134 -0.34 21.01 19.86
CA ALA A 134 -0.82 22.38 19.96
C ALA A 134 -1.00 22.73 21.43
N ALA A 135 -1.63 21.83 22.18
CA ALA A 135 -1.95 22.12 23.56
C ALA A 135 -0.68 22.29 24.38
N LEU A 136 0.30 21.43 24.14
CA LEU A 136 1.53 21.52 24.88
C LEU A 136 2.27 22.83 24.58
N ALA A 137 2.37 23.14 23.28
CA ALA A 137 2.92 24.41 22.83
C ALA A 137 2.24 25.61 23.50
N SER A 138 0.93 25.56 23.68
CA SER A 138 0.20 26.67 24.27
C SER A 138 0.55 26.82 25.74
N GLN A 139 0.80 25.70 26.40
CA GLN A 139 1.21 25.74 27.81
C GLN A 139 2.64 26.28 28.01
N ILE A 140 3.55 25.88 27.12
CA ILE A 140 4.91 26.39 27.14
C ILE A 140 4.92 27.91 26.88
N ALA A 141 4.09 28.38 25.97
CA ALA A 141 3.95 29.82 25.68
C ALA A 141 3.41 30.62 26.89
N ALA A 142 2.35 30.11 27.52
CA ALA A 142 1.71 30.78 28.65
C ALA A 142 2.65 30.96 29.84
N GLU A 143 3.71 30.16 29.87
CA GLU A 143 4.66 30.15 30.97
C GLU A 143 5.84 31.07 30.75
N GLN A 144 6.00 31.56 29.52
CA GLN A 144 7.17 32.36 29.18
C GLN A 144 7.23 33.64 30.00
N ASN A 145 8.44 34.13 30.23
CA ASN A 145 8.63 35.41 30.87
C ASN A 145 8.61 36.52 29.83
N LEU A 146 7.53 37.30 29.82
CA LEU A 146 7.31 38.27 28.77
C LEU A 146 8.01 39.63 29.02
N ASP A 147 8.70 39.75 30.15
CA ASP A 147 9.53 40.92 30.40
C ASP A 147 10.95 40.69 29.87
N ASN A 148 11.09 39.72 28.97
CA ASN A 148 12.38 39.25 28.52
C ASN A 148 12.30 38.94 27.03
N ASP A 149 13.31 39.35 26.26
CA ASP A 149 13.25 39.19 24.80
C ASP A 149 13.06 37.74 24.36
N GLU A 150 13.75 36.82 25.03
CA GLU A 150 13.68 35.40 24.68
C GLU A 150 12.30 34.84 24.98
N GLY A 151 11.74 35.19 26.14
CA GLY A 151 10.39 34.79 26.49
C GLY A 151 9.38 35.24 25.44
N LEU A 152 9.55 36.45 24.93
CA LEU A 152 8.64 36.99 23.93
C LEU A 152 8.75 36.22 22.60
N LYS A 153 9.97 35.94 22.17
CA LYS A 153 10.21 35.16 20.96
C LYS A 153 9.57 33.78 21.07
N ILE A 154 9.87 33.09 22.16
CA ILE A 154 9.32 31.77 22.42
C ILE A 154 7.80 31.77 22.49
N ALA A 155 7.21 32.75 23.19
CA ALA A 155 5.77 32.79 23.32
C ALA A 155 5.11 33.01 21.97
N ALA A 156 5.61 33.98 21.21
CA ALA A 156 5.10 34.25 19.88
C ALA A 156 5.12 33.00 18.99
N LYS A 157 6.27 32.34 18.92
CA LYS A 157 6.46 31.18 18.04
C LYS A 157 5.48 30.04 18.37
N HIS A 158 5.41 29.70 19.65
CA HIS A 158 4.48 28.66 20.11
C HIS A 158 2.99 28.97 19.92
N TYR A 159 2.57 30.20 20.17
CA TYR A 159 1.16 30.54 20.00
C TYR A 159 0.80 30.45 18.53
N GLN A 160 1.72 30.88 17.68
CA GLN A 160 1.50 30.77 16.25
C GLN A 160 1.53 29.31 15.81
N PHE A 161 2.45 28.51 16.35
CA PHE A 161 2.43 27.07 16.08
C PHE A 161 1.10 26.46 16.47
N ALA A 162 0.71 26.68 17.72
CA ALA A 162 -0.56 26.16 18.21
C ALA A 162 -1.70 26.59 17.31
N SER A 163 -1.70 27.86 16.94
CA SER A 163 -2.75 28.36 16.06
C SER A 163 -2.80 27.56 14.74
N GLY A 164 -1.65 27.33 14.12
CA GLY A 164 -1.61 26.58 12.87
C GLY A 164 -2.00 25.12 13.07
N ALA A 165 -1.54 24.52 14.16
CA ALA A 165 -1.83 23.11 14.39
C ALA A 165 -3.33 22.90 14.57
N PHE A 166 -3.93 23.70 15.44
CA PHE A 166 -5.38 23.65 15.65
C PHE A 166 -6.12 23.86 14.33
N LEU A 167 -5.72 24.86 13.55
CA LEU A 167 -6.44 25.14 12.31
C LEU A 167 -6.30 23.98 11.33
N HIS A 168 -5.14 23.33 11.35
CA HIS A 168 -4.91 22.19 10.47
C HIS A 168 -5.87 21.08 10.87
N ILE A 169 -5.94 20.80 12.16
CA ILE A 169 -6.89 19.84 12.69
C ILE A 169 -8.29 20.15 12.19
N LYS A 170 -8.65 21.43 12.20
CA LYS A 170 -9.96 21.83 11.73
C LYS A 170 -10.17 21.43 10.27
N GLU A 171 -9.15 21.61 9.44
CA GLU A 171 -9.30 21.42 8.01
C GLU A 171 -9.27 19.94 7.60
N THR A 172 -8.67 19.08 8.42
CA THR A 172 -8.50 17.67 8.07
C THR A 172 -9.41 16.72 8.84
N VAL A 173 -9.71 17.08 10.08
CA VAL A 173 -10.33 16.17 11.06
C VAL A 173 -11.42 15.23 10.54
N LEU A 174 -12.35 15.75 9.72
CA LEU A 174 -13.53 14.99 9.31
C LEU A 174 -13.25 13.96 8.21
N SER A 175 -12.38 14.33 7.27
CA SER A 175 -11.96 13.38 6.25
C SER A 175 -11.19 12.25 6.92
N ALA A 176 -10.42 12.62 7.93
CA ALA A 176 -9.60 11.66 8.67
C ALA A 176 -10.44 10.70 9.50
N LEU A 177 -11.69 11.06 9.75
CA LEU A 177 -12.59 10.29 10.61
C LEU A 177 -13.85 9.83 9.89
N SER A 178 -14.21 8.56 10.07
CA SER A 178 -15.48 8.07 9.55
C SER A 178 -16.61 8.75 10.31
N ARG A 179 -16.61 8.55 11.63
CA ARG A 179 -17.69 9.03 12.49
C ARG A 179 -17.37 10.41 13.07
N GLU A 180 -18.32 10.97 13.81
CA GLU A 180 -18.16 12.29 14.42
C GLU A 180 -17.04 12.31 15.45
N PRO A 181 -16.31 13.43 15.54
CA PRO A 181 -15.19 13.59 16.47
C PRO A 181 -15.67 13.88 17.88
N THR A 182 -14.82 13.61 18.87
CA THR A 182 -15.07 14.16 20.20
C THR A 182 -15.05 15.67 20.02
N VAL A 183 -15.69 16.39 20.94
CA VAL A 183 -15.86 17.83 20.84
C VAL A 183 -14.54 18.58 20.63
N ASP A 184 -13.58 18.33 21.51
CA ASP A 184 -12.33 19.05 21.51
C ASP A 184 -11.69 19.19 20.12
N ILE A 185 -11.71 18.09 19.35
CA ILE A 185 -11.10 18.10 18.02
C ILE A 185 -12.10 18.35 16.90
N SER A 186 -13.35 18.65 17.27
CA SER A 186 -14.37 19.02 16.28
C SER A 186 -13.98 20.33 15.60
N PRO A 187 -14.24 20.44 14.29
CA PRO A 187 -13.81 21.60 13.51
C PRO A 187 -14.06 22.98 14.16
N ASP A 188 -15.20 23.18 14.80
CA ASP A 188 -15.53 24.48 15.40
C ASP A 188 -14.77 24.74 16.69
N THR A 189 -14.56 23.71 17.49
CA THR A 189 -13.78 23.88 18.70
C THR A 189 -12.33 24.25 18.36
N VAL A 190 -11.76 23.58 17.36
CA VAL A 190 -10.35 23.82 17.03
C VAL A 190 -10.18 25.09 16.22
N GLY A 191 -11.23 25.52 15.55
CA GLY A 191 -11.22 26.79 14.87
C GLY A 191 -11.18 27.92 15.89
N THR A 192 -11.93 27.75 16.98
CA THR A 192 -11.97 28.79 18.02
C THR A 192 -10.65 28.85 18.77
N LEU A 193 -10.16 27.70 19.19
CA LEU A 193 -8.84 27.62 19.80
C LEU A 193 -7.75 28.21 18.90
N SER A 194 -7.85 27.97 17.59
CA SER A 194 -6.86 28.49 16.65
C SER A 194 -6.76 30.00 16.68
N LEU A 195 -7.92 30.65 16.83
CA LEU A 195 -8.04 32.09 16.82
C LEU A 195 -7.60 32.65 18.18
N ILE A 196 -7.95 31.98 19.26
CA ILE A 196 -7.44 32.36 20.58
C ILE A 196 -5.93 32.35 20.55
N MET A 197 -5.34 31.28 20.01
CA MET A 197 -3.89 31.20 19.98
C MET A 197 -3.31 32.37 19.16
N LEU A 198 -3.91 32.67 18.02
CA LEU A 198 -3.45 33.76 17.16
C LEU A 198 -3.57 35.13 17.85
N ALA A 199 -4.72 35.40 18.48
CA ALA A 199 -4.92 36.59 19.28
C ALA A 199 -3.81 36.74 20.31
N GLN A 200 -3.48 35.65 21.00
CA GLN A 200 -2.47 35.72 22.05
C GLN A 200 -1.06 35.97 21.50
N ALA A 201 -0.80 35.49 20.28
CA ALA A 201 0.43 35.80 19.60
C ALA A 201 0.48 37.31 19.26
N GLN A 202 -0.65 37.86 18.84
CA GLN A 202 -0.73 39.26 18.50
C GLN A 202 -0.51 40.08 19.80
N GLU A 203 -1.12 39.63 20.90
CA GLU A 203 -0.87 40.21 22.20
C GLU A 203 0.63 40.30 22.51
N VAL A 204 1.35 39.19 22.39
CA VAL A 204 2.80 39.18 22.61
C VAL A 204 3.56 40.23 21.80
N PHE A 205 3.19 40.41 20.53
CA PHE A 205 3.81 41.43 19.71
C PHE A 205 3.45 42.85 20.20
N PHE A 206 2.25 43.00 20.76
CA PHE A 206 1.85 44.28 21.34
C PHE A 206 2.73 44.61 22.56
N LEU A 207 2.98 43.61 23.41
CA LEU A 207 3.92 43.71 24.52
C LEU A 207 5.38 43.98 24.13
N LYS A 208 5.86 43.32 23.07
CA LYS A 208 7.16 43.63 22.53
C LYS A 208 7.19 45.10 22.10
N ALA A 209 6.20 45.49 21.31
CA ALA A 209 6.14 46.87 20.84
C ALA A 209 6.19 47.84 22.02
N THR A 210 5.46 47.51 23.08
CA THR A 210 5.43 48.33 24.27
C THR A 210 6.78 48.39 24.95
N ARG A 211 7.36 47.21 25.15
CA ARG A 211 8.65 47.10 25.81
C ARG A 211 9.73 47.83 25.00
N ASP A 212 9.60 47.81 23.68
CA ASP A 212 10.57 48.48 22.83
C ASP A 212 10.30 49.97 22.64
N LYS A 213 9.29 50.47 23.35
CA LYS A 213 8.92 51.88 23.29
C LYS A 213 8.72 52.32 21.86
N MET A 214 7.98 51.55 21.07
CA MET A 214 7.65 51.98 19.73
C MET A 214 6.62 53.11 19.79
N LYS A 215 6.42 53.78 18.66
CA LYS A 215 5.46 54.86 18.55
C LYS A 215 4.06 54.41 18.94
N ASP A 216 3.33 55.31 19.59
CA ASP A 216 1.96 55.05 20.03
C ASP A 216 0.97 54.74 18.91
N ALA A 217 1.21 55.30 17.73
CA ALA A 217 0.44 54.97 16.54
C ALA A 217 0.51 53.48 16.23
N ILE A 218 1.72 52.92 16.31
CA ILE A 218 1.91 51.51 16.05
C ILE A 218 1.25 50.70 17.14
N ILE A 219 1.60 51.02 18.38
CA ILE A 219 1.07 50.29 19.51
C ILE A 219 -0.45 50.29 19.51
N ALA A 220 -1.08 51.40 19.13
CA ALA A 220 -2.55 51.41 19.12
C ALA A 220 -3.08 50.42 18.07
N LYS A 221 -2.44 50.34 16.92
CA LYS A 221 -2.87 49.44 15.85
C LYS A 221 -2.64 47.96 16.16
N LEU A 222 -1.52 47.65 16.79
CA LEU A 222 -1.23 46.28 17.19
C LEU A 222 -2.25 45.82 18.20
N ALA A 223 -2.65 46.73 19.08
CA ALA A 223 -3.47 46.39 20.22
C ALA A 223 -4.88 46.25 19.73
N ASN A 224 -5.21 47.06 18.74
CA ASN A 224 -6.55 47.02 18.17
C ASN A 224 -6.75 45.71 17.37
N GLN A 225 -5.70 45.29 16.67
CA GLN A 225 -5.72 44.01 15.96
C GLN A 225 -5.93 42.86 16.98
N ALA A 226 -5.17 42.85 18.07
CA ALA A 226 -5.43 41.87 19.12
C ALA A 226 -6.87 41.87 19.56
N ALA A 227 -7.47 43.06 19.62
CA ALA A 227 -8.82 43.21 20.16
C ALA A 227 -9.80 42.53 19.21
N ASP A 228 -9.50 42.69 17.94
CA ASP A 228 -10.35 42.20 16.90
C ASP A 228 -10.30 40.65 16.89
N TYR A 229 -9.11 40.10 17.07
CA TYR A 229 -8.94 38.66 17.25
C TYR A 229 -9.69 38.16 18.48
N PHE A 230 -9.41 38.72 19.66
CA PHE A 230 -10.09 38.26 20.88
C PHE A 230 -11.58 38.45 20.80
N GLY A 231 -12.01 39.51 20.11
CA GLY A 231 -13.44 39.76 19.99
C GLY A 231 -14.14 38.74 19.10
N ASP A 232 -13.49 38.33 18.03
CA ASP A 232 -14.09 37.33 17.16
C ASP A 232 -14.14 35.98 17.89
N ALA A 233 -13.07 35.66 18.62
CA ALA A 233 -13.05 34.44 19.41
C ALA A 233 -14.18 34.47 20.42
N PHE A 234 -14.36 35.62 21.05
CA PHE A 234 -15.44 35.79 22.01
C PHE A 234 -16.81 35.50 21.38
N LYS A 235 -17.06 36.06 20.20
CA LYS A 235 -18.34 35.88 19.53
C LYS A 235 -18.60 34.39 19.26
N GLN A 236 -17.60 33.70 18.73
CA GLN A 236 -17.73 32.27 18.48
C GLN A 236 -18.11 31.54 19.74
N CYS A 237 -17.48 31.89 20.86
CA CYS A 237 -17.80 31.21 22.11
C CYS A 237 -19.16 31.60 22.67
N GLN A 238 -19.69 32.75 22.23
CA GLN A 238 -20.85 33.32 22.92
C GLN A 238 -22.09 32.43 22.86
N TYR A 239 -22.29 31.73 21.74
CA TYR A 239 -23.40 30.80 21.67
C TYR A 239 -22.96 29.40 21.25
N LYS A 240 -22.12 28.79 22.08
CA LYS A 240 -21.68 27.40 21.91
C LYS A 240 -20.55 27.09 22.88
N ASP A 241 -20.91 26.60 24.07
CA ASP A 241 -19.96 26.47 25.18
C ASP A 241 -19.20 25.15 25.21
N THR A 242 -18.16 25.06 24.38
CA THR A 242 -17.44 23.80 24.24
C THR A 242 -16.01 23.83 24.78
N LEU A 243 -15.62 24.97 25.37
CA LEU A 243 -14.30 25.09 25.99
C LEU A 243 -14.40 25.22 27.50
N PRO A 244 -13.29 24.97 28.21
CA PRO A 244 -13.33 24.98 29.67
C PRO A 244 -13.89 26.28 30.19
N LYS A 245 -14.35 26.31 31.44
CA LYS A 245 -15.19 27.39 31.95
C LYS A 245 -14.53 28.76 32.06
N GLU A 246 -13.22 28.79 32.29
CA GLU A 246 -12.50 30.03 32.48
C GLU A 246 -12.12 30.70 31.17
N VAL A 247 -12.33 30.01 30.07
CA VAL A 247 -11.89 30.57 28.79
C VAL A 247 -12.77 31.77 28.42
N PHE A 248 -14.07 31.61 28.58
CA PHE A 248 -15.03 32.57 28.10
C PHE A 248 -14.85 33.95 28.77
N PRO A 249 -14.84 33.98 30.11
CA PRO A 249 -14.59 35.24 30.81
C PRO A 249 -13.23 35.86 30.50
N VAL A 250 -12.21 35.03 30.31
CA VAL A 250 -10.88 35.57 30.02
C VAL A 250 -10.84 36.26 28.67
N LEU A 251 -11.49 35.65 27.67
CA LEU A 251 -11.60 36.26 26.36
C LEU A 251 -12.30 37.61 26.44
N ALA A 252 -13.38 37.67 27.21
CA ALA A 252 -14.15 38.88 27.36
C ALA A 252 -13.28 39.99 28.00
N ALA A 253 -12.57 39.63 29.06
CA ALA A 253 -11.60 40.52 29.68
C ALA A 253 -10.52 41.00 28.71
N LYS A 254 -9.85 40.07 28.02
CA LYS A 254 -8.77 40.43 27.10
C LYS A 254 -9.23 41.27 25.91
N HIS A 255 -10.44 40.99 25.43
CA HIS A 255 -11.05 41.81 24.40
C HIS A 255 -11.14 43.28 24.87
N CYS A 256 -11.62 43.48 26.09
CA CYS A 256 -11.78 44.82 26.67
C CYS A 256 -10.45 45.48 27.01
N ILE A 257 -9.53 44.71 27.54
CA ILE A 257 -8.24 45.26 27.90
C ILE A 257 -7.48 45.73 26.66
N MET A 258 -7.61 45.00 25.57
CA MET A 258 -6.89 45.35 24.34
C MET A 258 -7.54 46.54 23.63
N GLN A 259 -8.86 46.63 23.71
CA GLN A 259 -9.56 47.82 23.25
C GLN A 259 -9.08 49.05 24.03
N ALA A 260 -8.97 48.91 25.35
CA ALA A 260 -8.58 50.02 26.19
C ALA A 260 -7.16 50.43 25.84
N ASN A 261 -6.28 49.45 25.67
CA ASN A 261 -4.92 49.76 25.30
C ASN A 261 -4.86 50.53 24.01
N ALA A 262 -5.70 50.13 23.06
CA ALA A 262 -5.75 50.79 21.79
C ALA A 262 -6.21 52.24 21.97
N GLU A 263 -7.29 52.45 22.72
CA GLU A 263 -7.79 53.81 22.98
C GLU A 263 -6.72 54.67 23.66
N TYR A 264 -6.08 54.10 24.67
CA TYR A 264 -5.12 54.81 25.45
C TYR A 264 -3.96 55.30 24.61
N HIS A 265 -3.45 54.45 23.71
CA HIS A 265 -2.33 54.87 22.90
C HIS A 265 -2.76 55.81 21.78
N GLN A 266 -3.97 55.63 21.29
CA GLN A 266 -4.49 56.52 20.28
C GLN A 266 -4.72 57.90 20.90
N SER A 267 -5.04 57.96 22.19
CA SER A 267 -5.30 59.25 22.83
C SER A 267 -4.02 60.06 22.96
N ILE A 268 -2.90 59.38 23.21
CA ILE A 268 -1.60 60.04 23.22
C ILE A 268 -1.32 60.67 21.87
N LEU A 269 -1.80 60.02 20.81
CA LEU A 269 -1.60 60.54 19.48
C LEU A 269 -2.46 61.78 19.29
N ALA A 270 -3.69 61.73 19.80
CA ALA A 270 -4.62 62.83 19.69
C ALA A 270 -4.01 64.07 20.38
N LYS A 271 -3.58 63.86 21.62
CA LYS A 271 -2.88 64.84 22.41
C LYS A 271 -1.76 65.50 21.63
N GLN A 272 -0.91 64.68 21.01
CA GLN A 272 0.23 65.17 20.28
C GLN A 272 -0.17 65.99 19.09
N GLN A 273 -1.40 65.81 18.63
CA GLN A 273 -1.91 66.65 17.54
C GLN A 273 -2.78 67.82 17.99
N TYR A 274 -2.86 68.05 19.30
CA TYR A 274 -3.70 69.13 19.87
C TYR A 274 -5.19 68.85 19.67
N TYR A 275 -5.53 67.57 19.57
CA TYR A 275 -6.91 67.13 19.54
C TYR A 275 -7.31 66.78 20.96
N PHE A 276 -7.34 67.79 21.82
CA PHE A 276 -7.50 67.59 23.25
C PHE A 276 -8.85 66.98 23.64
N GLY A 277 -9.88 67.24 22.84
CA GLY A 277 -11.19 66.69 23.11
C GLY A 277 -11.23 65.20 22.83
N GLU A 278 -10.67 64.82 21.68
CA GLU A 278 -10.57 63.41 21.34
C GLU A 278 -9.76 62.68 22.40
N GLU A 279 -8.65 63.26 22.82
CA GLU A 279 -7.81 62.63 23.82
C GLU A 279 -8.65 62.20 25.01
N ILE A 280 -9.48 63.13 25.46
CA ILE A 280 -10.31 62.89 26.62
C ILE A 280 -11.39 61.86 26.39
N ALA A 281 -12.02 61.94 25.22
CA ALA A 281 -13.06 61.00 24.88
C ALA A 281 -12.48 59.57 24.85
N ARG A 282 -11.27 59.42 24.32
CA ARG A 282 -10.68 58.09 24.20
C ARG A 282 -10.24 57.58 25.55
N LEU A 283 -9.69 58.47 26.39
CA LEU A 283 -9.27 58.05 27.72
C LEU A 283 -10.49 57.67 28.55
N GLN A 284 -11.62 58.31 28.31
CA GLN A 284 -12.84 57.97 29.02
C GLN A 284 -13.36 56.59 28.59
N HIS A 285 -13.34 56.33 27.29
CA HIS A 285 -13.70 55.01 26.82
C HIS A 285 -12.78 53.96 27.48
N ALA A 286 -11.47 54.24 27.48
CA ALA A 286 -10.52 53.36 28.14
C ALA A 286 -10.81 53.15 29.61
N ALA A 287 -11.15 54.23 30.33
CA ALA A 287 -11.43 54.12 31.76
C ALA A 287 -12.65 53.24 32.01
N GLU A 288 -13.69 53.47 31.22
CA GLU A 288 -14.92 52.67 31.30
C GLU A 288 -14.61 51.18 31.04
N LEU A 289 -13.93 50.88 29.94
CA LEU A 289 -13.55 49.49 29.66
C LEU A 289 -12.80 48.86 30.84
N ILE A 290 -11.76 49.53 31.33
CA ILE A 290 -10.93 48.95 32.38
C ILE A 290 -11.66 48.88 33.72
N LYS A 291 -12.60 49.80 33.93
CA LYS A 291 -13.40 49.78 35.14
C LYS A 291 -14.29 48.55 35.15
N THR A 292 -14.95 48.31 34.03
CA THR A 292 -15.80 47.13 33.89
C THR A 292 -15.02 45.84 34.12
N VAL A 293 -13.82 45.76 33.55
CA VAL A 293 -12.99 44.57 33.69
C VAL A 293 -12.59 44.32 35.14
N ALA A 294 -12.16 45.38 35.81
CA ALA A 294 -11.73 45.31 37.19
C ALA A 294 -12.78 44.71 38.11
N SER A 295 -14.04 45.12 37.97
CA SER A 295 -15.08 44.59 38.84
C SER A 295 -15.66 43.25 38.38
N ARG A 296 -15.78 43.05 37.08
CA ARG A 296 -16.45 41.85 36.60
C ARG A 296 -15.51 40.66 36.46
N TYR A 297 -14.23 40.89 36.15
CA TYR A 297 -13.32 39.78 35.88
C TYR A 297 -12.08 39.80 36.76
N ASP A 298 -12.21 40.40 37.94
CA ASP A 298 -11.09 40.49 38.89
C ASP A 298 -10.59 39.09 39.24
N GLU A 299 -11.48 38.12 39.13
CA GLU A 299 -11.13 36.73 39.32
C GLU A 299 -10.05 36.27 38.32
N TYR A 300 -9.92 36.97 37.19
CA TYR A 300 -9.08 36.48 36.10
C TYR A 300 -7.96 37.41 35.65
N VAL A 301 -8.07 38.70 35.93
CA VAL A 301 -7.04 39.63 35.46
C VAL A 301 -6.73 40.69 36.49
N ASN A 302 -5.54 41.26 36.39
CA ASN A 302 -5.21 42.45 37.18
C ASN A 302 -4.88 43.67 36.33
N VAL A 303 -5.75 44.68 36.37
CA VAL A 303 -5.59 45.89 35.59
C VAL A 303 -5.33 47.16 36.41
N LYS A 304 -4.85 47.01 37.65
CA LYS A 304 -4.69 48.16 38.52
C LYS A 304 -3.69 49.19 37.99
N ASP A 305 -2.50 48.73 37.63
CA ASP A 305 -1.52 49.64 37.08
C ASP A 305 -2.01 50.41 35.83
N PHE A 306 -2.64 49.70 34.91
CA PHE A 306 -3.19 50.31 33.70
C PHE A 306 -4.27 51.33 34.08
N SER A 307 -5.12 50.97 35.03
CA SER A 307 -6.21 51.83 35.47
C SER A 307 -5.69 53.13 36.10
N ASP A 308 -4.63 53.03 36.88
CA ASP A 308 -4.00 54.23 37.46
C ASP A 308 -3.47 55.15 36.37
N LYS A 309 -2.67 54.57 35.47
CA LYS A 309 -2.09 55.28 34.32
C LYS A 309 -3.14 56.02 33.49
N ILE A 310 -4.24 55.36 33.17
CA ILE A 310 -5.34 55.99 32.46
C ILE A 310 -5.88 57.15 33.27
N ASN A 311 -6.22 56.87 34.52
CA ASN A 311 -6.79 57.88 35.41
C ASN A 311 -5.96 59.17 35.48
N ARG A 312 -4.65 59.02 35.69
CA ARG A 312 -3.71 60.14 35.66
C ARG A 312 -3.78 60.90 34.34
N ALA A 313 -3.81 60.16 33.22
CA ALA A 313 -3.76 60.82 31.92
C ALA A 313 -5.06 61.62 31.73
N LEU A 314 -6.15 61.07 32.24
CA LEU A 314 -7.45 61.70 32.09
C LEU A 314 -7.60 62.93 32.99
N ALA A 315 -7.10 62.83 34.21
CA ALA A 315 -7.20 63.96 35.12
C ALA A 315 -6.32 65.09 34.61
N ALA A 316 -5.11 64.74 34.16
CA ALA A 316 -4.21 65.76 33.66
C ALA A 316 -4.86 66.42 32.46
N ALA A 317 -5.51 65.61 31.62
CA ALA A 317 -6.04 66.10 30.34
C ALA A 317 -7.26 66.98 30.57
N LYS A 318 -8.10 66.60 31.52
CA LYS A 318 -9.27 67.39 31.88
C LYS A 318 -8.89 68.74 32.51
N LYS A 319 -7.80 68.76 33.27
CA LYS A 319 -7.30 69.99 33.86
C LYS A 319 -6.95 71.00 32.77
N ASP A 320 -5.96 70.66 31.96
CA ASP A 320 -5.56 71.50 30.84
C ASP A 320 -6.71 71.92 29.95
N ASN A 321 -7.68 71.03 29.76
CA ASN A 321 -8.76 71.36 28.84
C ASN A 321 -9.75 72.31 29.45
N ASP A 322 -10.03 72.09 30.74
CA ASP A 322 -11.03 72.85 31.45
C ASP A 322 -10.54 74.29 31.68
N PHE A 323 -9.25 74.46 31.91
CA PHE A 323 -8.67 75.78 32.19
C PHE A 323 -8.04 76.45 30.97
N ILE A 324 -7.38 75.70 30.12
CA ILE A 324 -6.57 76.26 29.04
C ILE A 324 -7.18 76.12 27.64
N TYR A 325 -7.35 74.88 27.19
CA TYR A 325 -7.71 74.58 25.79
C TYR A 325 -9.19 74.79 25.49
N HIS A 326 -10.06 74.44 26.44
CA HIS A 326 -11.51 74.54 26.24
C HIS A 326 -12.01 73.82 24.97
N ASP A 327 -11.47 72.65 24.69
CA ASP A 327 -11.83 71.87 23.49
C ASP A 327 -13.07 71.01 23.75
N ARG A 328 -14.03 71.06 22.84
CA ARG A 328 -15.20 70.20 22.94
C ARG A 328 -14.82 68.71 22.88
N VAL A 329 -15.41 67.92 23.75
CA VAL A 329 -15.18 66.48 23.77
C VAL A 329 -16.19 65.77 22.85
N PRO A 330 -15.70 65.10 21.81
CA PRO A 330 -16.56 64.43 20.82
C PRO A 330 -17.30 63.23 21.41
N ASP A 331 -18.42 62.85 20.80
CA ASP A 331 -19.05 61.56 21.09
C ASP A 331 -18.22 60.51 20.42
N LEU A 332 -18.14 59.33 21.04
CA LEU A 332 -17.37 58.20 20.49
C LEU A 332 -17.74 57.86 19.05
N LYS A 333 -19.03 57.84 18.76
CA LYS A 333 -19.50 57.41 17.44
C LYS A 333 -18.97 58.32 16.35
N ASP A 334 -18.50 59.50 16.75
CA ASP A 334 -18.00 60.49 15.80
C ASP A 334 -16.50 60.37 15.55
N LEU A 335 -15.81 59.57 16.38
CA LEU A 335 -14.38 59.32 16.16
C LEU A 335 -14.15 58.36 14.99
N ASP A 336 -12.99 58.49 14.35
CA ASP A 336 -12.59 57.53 13.31
C ASP A 336 -12.12 56.21 13.92
N PRO A 337 -12.24 55.12 13.16
CA PRO A 337 -11.75 53.83 13.64
C PRO A 337 -10.26 53.91 13.88
N ILE A 338 -9.78 53.26 14.94
CA ILE A 338 -8.35 53.03 15.04
C ILE A 338 -8.07 51.92 14.04
N GLY A 339 -6.95 52.01 13.33
CA GLY A 339 -6.64 50.99 12.36
C GLY A 339 -6.19 49.72 13.06
N LYS A 340 -5.65 48.79 12.26
CA LYS A 340 -5.28 47.46 12.72
C LYS A 340 -4.01 47.00 12.00
N ALA A 341 -3.07 46.42 12.72
CA ALA A 341 -1.88 45.86 12.08
C ALA A 341 -1.59 44.49 12.66
N THR A 342 -1.60 43.47 11.81
CA THR A 342 -1.27 42.12 12.28
C THR A 342 0.20 41.76 11.98
N LEU A 343 0.83 41.06 12.92
CA LEU A 343 2.23 40.69 12.79
C LEU A 343 2.36 39.18 12.88
N VAL A 344 1.22 38.50 12.91
CA VAL A 344 1.15 37.07 13.21
C VAL A 344 0.40 36.28 12.12
N LYS A 345 0.72 35.00 12.03
CA LYS A 345 0.11 34.07 11.08
C LYS A 345 0.03 32.68 11.71
N SER A 346 -1.08 31.99 11.51
CA SER A 346 -1.15 30.55 11.81
C SER A 346 -0.05 29.80 11.06
N THR A 347 0.88 29.21 11.79
CA THR A 347 1.95 28.43 11.19
C THR A 347 1.42 27.14 10.52
N PRO A 348 1.68 26.99 9.22
CA PRO A 348 1.30 25.77 8.46
C PRO A 348 1.95 24.51 9.03
N VAL A 349 1.20 23.42 9.10
CA VAL A 349 1.77 22.13 9.47
C VAL A 349 2.26 21.40 8.22
N ASN A 350 3.58 21.40 8.02
CA ASN A 350 4.19 20.60 6.95
C ASN A 350 5.24 19.70 7.60
N VAL A 351 4.97 18.41 7.65
CA VAL A 351 5.93 17.52 8.28
C VAL A 351 7.19 17.51 7.41
N PRO A 352 8.36 17.46 8.04
CA PRO A 352 8.55 17.23 9.47
C PRO A 352 8.34 18.51 10.28
N ILE A 353 7.59 18.44 11.37
CA ILE A 353 7.48 19.58 12.27
C ILE A 353 8.42 19.42 13.45
N SER A 354 9.09 18.27 13.52
CA SER A 354 10.08 18.04 14.57
C SER A 354 11.45 18.44 14.04
N GLN A 355 12.36 18.76 14.95
CA GLN A 355 13.73 19.05 14.57
C GLN A 355 14.55 17.77 14.34
N LYS A 356 15.36 17.78 13.29
CA LYS A 356 16.25 16.68 12.94
C LYS A 356 15.52 15.35 12.72
N PHE A 357 14.47 15.38 11.93
CA PHE A 357 13.66 14.18 11.72
C PHE A 357 14.32 13.16 10.81
N THR A 358 14.03 11.90 11.09
CA THR A 358 14.47 10.76 10.28
C THR A 358 13.41 9.65 10.29
N ASP A 359 12.86 9.35 9.12
CA ASP A 359 11.78 8.40 9.00
C ASP A 359 12.28 6.97 9.20
N LEU A 360 11.92 6.36 10.33
CA LEU A 360 12.35 4.99 10.65
C LEU A 360 12.17 4.04 9.46
N PHE A 361 11.08 4.24 8.73
CA PHE A 361 10.67 3.35 7.65
C PHE A 361 10.88 3.97 6.28
N GLU A 362 11.87 4.85 6.15
CA GLU A 362 12.09 5.53 4.87
C GLU A 362 12.31 4.54 3.73
N LYS A 363 13.00 3.44 4.02
CA LYS A 363 13.29 2.43 3.00
C LYS A 363 12.04 1.66 2.61
N MET A 364 11.14 1.46 3.57
CA MET A 364 9.91 0.71 3.33
C MET A 364 9.20 1.19 2.06
N VAL A 365 8.70 0.26 1.28
CA VAL A 365 8.10 0.58 -0.01
C VAL A 365 6.60 0.87 0.12
N PRO A 366 6.16 2.00 -0.42
CA PRO A 366 4.73 2.39 -0.36
C PRO A 366 3.79 1.30 -0.85
N VAL A 367 2.83 0.96 -0.01
CA VAL A 367 1.80 -0.03 -0.33
C VAL A 367 1.18 0.16 -1.71
N SER A 368 0.96 1.42 -2.11
CA SER A 368 0.31 1.69 -3.38
C SER A 368 1.11 1.13 -4.58
N VAL A 369 2.43 1.16 -4.44
CA VAL A 369 3.33 0.71 -5.48
C VAL A 369 3.40 -0.82 -5.56
N GLN A 370 3.35 -1.47 -4.41
CA GLN A 370 3.35 -2.92 -4.36
C GLN A 370 2.04 -3.47 -4.93
N GLN A 371 0.95 -2.78 -4.65
CA GLN A 371 -0.34 -3.13 -5.23
C GLN A 371 -0.30 -2.99 -6.76
N SER A 372 0.54 -2.09 -7.24
CA SER A 372 0.69 -1.87 -8.69
C SER A 372 1.72 -2.82 -9.32
N LEU A 373 2.76 -3.17 -8.55
CA LEU A 373 3.76 -4.13 -9.02
C LEU A 373 3.13 -5.51 -9.15
N ALA A 374 2.36 -5.92 -8.14
CA ALA A 374 1.70 -7.20 -8.18
C ALA A 374 0.74 -7.24 -9.36
N ALA A 375 -0.06 -6.19 -9.47
CA ALA A 375 -1.02 -6.08 -10.56
C ALA A 375 -0.33 -6.24 -11.92
N TYR A 376 0.77 -5.52 -12.10
CA TYR A 376 1.53 -5.55 -13.34
C TYR A 376 1.97 -6.97 -13.70
N ASN A 377 2.39 -7.73 -12.69
CA ASN A 377 2.82 -9.10 -12.92
C ASN A 377 1.69 -10.05 -13.31
N GLN A 378 0.51 -9.88 -12.73
CA GLN A 378 -0.65 -10.66 -13.16
C GLN A 378 -0.95 -10.34 -14.61
N ARG A 379 -0.56 -9.14 -15.05
CA ARG A 379 -0.73 -8.76 -16.45
C ARG A 379 0.41 -9.29 -17.33
N LYS A 380 1.61 -9.33 -16.76
CA LYS A 380 2.78 -9.80 -17.50
C LYS A 380 2.72 -11.32 -17.72
N ALA A 381 2.34 -12.07 -16.68
CA ALA A 381 2.06 -13.49 -16.78
C ALA A 381 1.04 -13.79 -17.87
N ASP A 382 -0.12 -13.16 -17.78
CA ASP A 382 -1.19 -13.35 -18.77
C ASP A 382 -0.72 -13.11 -20.21
N LEU A 383 0.01 -12.04 -20.45
CA LEU A 383 0.58 -11.79 -21.77
C LEU A 383 1.53 -12.90 -22.22
N VAL A 384 2.42 -13.33 -21.31
CA VAL A 384 3.47 -14.27 -21.69
C VAL A 384 2.91 -15.70 -21.81
N ASN A 385 2.23 -16.17 -20.77
CA ASN A 385 1.55 -17.44 -20.86
C ASN A 385 0.61 -17.47 -22.06
N ARG A 386 -0.29 -16.49 -22.20
CA ARG A 386 -1.21 -16.55 -23.32
C ARG A 386 -0.50 -16.77 -24.66
N SER A 387 0.45 -15.89 -24.99
CA SER A 387 1.14 -16.00 -26.26
C SER A 387 1.87 -17.34 -26.40
N ILE A 388 2.48 -17.81 -25.33
CA ILE A 388 3.21 -19.07 -25.39
C ILE A 388 2.27 -20.23 -25.69
N ALA A 389 1.19 -20.34 -24.92
CA ALA A 389 0.19 -21.36 -25.16
C ALA A 389 -0.37 -21.26 -26.59
N GLN A 390 -0.70 -20.06 -27.03
CA GLN A 390 -1.16 -19.91 -28.41
C GLN A 390 -0.20 -20.59 -29.40
N MET A 391 1.10 -20.46 -29.14
CA MET A 391 2.13 -20.96 -30.05
C MET A 391 2.29 -22.48 -29.99
N ARG A 392 2.26 -23.03 -28.78
CA ARG A 392 2.37 -24.46 -28.60
C ARG A 392 1.15 -25.17 -29.20
N GLU A 393 -0.04 -24.71 -28.85
CA GLU A 393 -1.25 -25.29 -29.44
C GLU A 393 -1.22 -25.25 -30.97
N ALA A 394 -0.70 -24.15 -31.52
CA ALA A 394 -0.62 -24.06 -32.96
C ALA A 394 0.35 -25.10 -33.55
N THR A 395 1.49 -25.32 -32.88
CA THR A 395 2.51 -26.23 -33.35
C THR A 395 1.97 -27.64 -33.26
N THR A 396 1.33 -27.93 -32.15
CA THR A 396 0.69 -29.21 -31.92
C THR A 396 -0.32 -29.48 -33.03
N LEU A 397 -1.14 -28.48 -33.35
CA LEU A 397 -2.13 -28.63 -34.39
C LEU A 397 -1.52 -28.97 -35.76
N ALA A 398 -0.47 -28.26 -36.14
CA ALA A 398 0.17 -28.46 -37.42
C ALA A 398 0.95 -29.79 -37.54
N ASN A 399 1.56 -30.24 -36.45
CA ASN A 399 2.21 -31.53 -36.46
C ASN A 399 1.18 -32.64 -36.67
N GLY A 400 0.04 -32.47 -36.03
CA GLY A 400 -1.06 -33.41 -36.16
C GLY A 400 -1.59 -33.43 -37.58
N VAL A 401 -1.62 -32.26 -38.22
CA VAL A 401 -2.08 -32.20 -39.60
C VAL A 401 -1.07 -32.86 -40.56
N LEU A 402 0.21 -32.56 -40.41
CA LEU A 402 1.21 -33.12 -41.31
C LEU A 402 1.27 -34.66 -41.23
N ALA A 403 1.03 -35.19 -40.03
CA ALA A 403 1.09 -36.62 -39.81
C ALA A 403 -0.11 -37.25 -40.52
N SER A 404 -1.28 -36.67 -40.29
CA SER A 404 -2.50 -37.19 -40.90
C SER A 404 -2.36 -37.23 -42.42
N LEU A 405 -1.39 -36.49 -42.96
CA LEU A 405 -1.18 -36.43 -44.40
C LEU A 405 0.08 -37.19 -44.86
N ASN A 406 0.77 -37.83 -43.93
CA ASN A 406 2.03 -38.47 -44.27
C ASN A 406 3.04 -37.46 -44.83
N LEU A 407 3.09 -36.28 -44.23
CA LEU A 407 4.06 -35.26 -44.62
C LEU A 407 4.98 -34.91 -43.46
N PRO A 408 6.26 -34.68 -43.75
CA PRO A 408 6.77 -34.70 -45.12
C PRO A 408 7.26 -36.05 -45.62
N ALA A 409 6.98 -37.14 -44.90
CA ALA A 409 7.45 -38.46 -45.34
C ALA A 409 7.18 -38.71 -46.83
N ALA A 410 5.93 -38.53 -47.24
CA ALA A 410 5.53 -38.92 -48.60
C ALA A 410 6.43 -38.32 -49.67
N ILE A 411 6.95 -37.12 -49.41
CA ILE A 411 7.75 -36.44 -50.43
C ILE A 411 9.21 -36.85 -50.38
N GLU A 412 9.63 -37.47 -49.28
CA GLU A 412 11.02 -37.88 -49.17
C GLU A 412 11.19 -39.33 -49.56
N ASP A 413 10.08 -40.02 -49.78
CA ASP A 413 10.08 -41.46 -49.98
C ASP A 413 10.13 -41.79 -51.48
N VAL A 414 11.25 -41.49 -52.12
CA VAL A 414 11.39 -41.69 -53.56
C VAL A 414 11.46 -43.19 -53.87
N SER A 415 12.17 -43.93 -53.02
CA SER A 415 12.21 -45.37 -53.11
C SER A 415 11.53 -45.90 -51.88
N GLY A 416 10.50 -46.71 -52.07
CA GLY A 416 9.76 -47.26 -50.93
C GLY A 416 10.55 -48.33 -50.22
N ASP A 417 11.88 -48.25 -50.35
CA ASP A 417 12.77 -49.32 -49.90
C ASP A 417 13.40 -48.98 -48.56
N THR A 418 13.48 -47.69 -48.25
CA THR A 418 14.30 -47.18 -47.15
C THR A 418 13.57 -46.19 -46.25
N VAL A 419 14.14 -45.94 -45.06
CA VAL A 419 13.56 -45.01 -44.10
C VAL A 419 13.66 -43.58 -44.62
N PRO A 420 12.51 -42.93 -44.80
CA PRO A 420 12.55 -41.55 -45.27
C PRO A 420 13.35 -40.68 -44.29
N GLN A 421 14.07 -39.70 -44.82
CA GLN A 421 15.03 -38.92 -44.03
C GLN A 421 14.43 -38.25 -42.79
N SER A 422 13.23 -37.68 -42.92
CA SER A 422 12.60 -37.02 -41.79
C SER A 422 12.26 -38.01 -40.68
N ILE A 423 11.94 -39.25 -41.05
CA ILE A 423 11.67 -40.25 -40.02
C ILE A 423 12.97 -40.66 -39.34
N LEU A 424 14.03 -40.72 -40.13
CA LEU A 424 15.35 -41.09 -39.63
C LEU A 424 15.88 -40.02 -38.68
N THR A 425 15.66 -38.75 -39.04
CA THR A 425 16.05 -37.62 -38.20
C THR A 425 15.30 -37.69 -36.87
N LYS A 426 14.00 -37.91 -36.94
CA LYS A 426 13.18 -38.04 -35.75
C LYS A 426 13.60 -39.24 -34.89
N SER A 427 13.85 -40.38 -35.54
CA SER A 427 14.29 -41.56 -34.82
C SER A 427 15.55 -41.24 -34.01
N ARG A 428 16.53 -40.66 -34.69
CA ARG A 428 17.82 -40.42 -34.07
C ARG A 428 17.70 -39.39 -32.95
N SER A 429 16.84 -38.41 -33.17
CA SER A 429 16.54 -37.40 -32.16
C SER A 429 16.05 -38.06 -30.88
N VAL A 430 15.05 -38.94 -31.00
CA VAL A 430 14.50 -39.66 -29.85
C VAL A 430 15.52 -40.56 -29.16
N ILE A 431 16.27 -41.32 -29.96
CA ILE A 431 17.30 -42.21 -29.45
C ILE A 431 18.30 -41.44 -28.61
N GLU A 432 18.68 -40.26 -29.10
CA GLU A 432 19.64 -39.41 -28.41
C GLU A 432 19.09 -38.92 -27.07
N GLN A 433 17.80 -38.61 -27.05
CA GLN A 433 17.12 -38.16 -25.83
C GLN A 433 16.90 -39.30 -24.85
N GLY A 434 17.58 -40.41 -25.10
CA GLY A 434 17.50 -41.57 -24.22
C GLY A 434 16.57 -42.68 -24.70
N GLY A 435 15.76 -42.40 -25.71
CA GLY A 435 14.86 -43.42 -26.22
C GLY A 435 13.70 -43.68 -25.26
N ILE A 436 13.14 -44.87 -25.33
CA ILE A 436 11.96 -45.23 -24.55
C ILE A 436 12.25 -45.27 -23.05
N GLN A 437 13.50 -45.60 -22.71
CA GLN A 437 13.93 -45.60 -21.32
C GLN A 437 13.56 -44.29 -20.63
N THR A 438 13.81 -43.17 -21.31
CA THR A 438 13.50 -41.85 -20.79
C THR A 438 12.06 -41.78 -20.27
N VAL A 439 11.11 -42.08 -21.15
CA VAL A 439 9.69 -42.14 -20.79
C VAL A 439 9.40 -43.15 -19.70
N ASP A 440 9.88 -44.38 -19.88
CA ASP A 440 9.66 -45.46 -18.92
C ASP A 440 10.09 -45.08 -17.51
N GLN A 441 11.20 -44.37 -17.40
CA GLN A 441 11.73 -43.98 -16.10
C GLN A 441 10.81 -42.97 -15.43
N LEU A 442 10.49 -41.91 -16.16
CA LEU A 442 9.59 -40.87 -15.68
C LEU A 442 8.26 -41.47 -15.25
N ILE A 443 7.77 -42.44 -16.00
CA ILE A 443 6.48 -43.05 -15.68
C ILE A 443 6.58 -43.84 -14.38
N LYS A 444 7.72 -44.51 -14.21
CA LYS A 444 7.95 -45.43 -13.11
C LYS A 444 7.93 -44.70 -11.78
N GLU A 445 8.58 -43.54 -11.73
CA GLU A 445 8.74 -42.85 -10.47
C GLU A 445 7.64 -41.82 -10.17
N LEU A 446 6.73 -41.63 -11.13
CA LEU A 446 5.55 -40.79 -10.89
C LEU A 446 4.83 -41.24 -9.61
N PRO A 447 4.50 -42.54 -9.50
CA PRO A 447 3.83 -43.05 -8.29
C PRO A 447 4.67 -42.90 -7.03
N GLU A 448 5.99 -42.80 -7.18
CA GLU A 448 6.87 -42.67 -6.03
C GLU A 448 6.91 -41.22 -5.53
N LEU A 449 6.76 -40.27 -6.45
CA LEU A 449 6.68 -38.86 -6.10
C LEU A 449 5.34 -38.54 -5.45
N LEU A 450 4.28 -39.14 -5.96
CA LEU A 450 2.97 -39.08 -5.33
C LEU A 450 3.06 -39.56 -3.88
N GLN A 451 3.59 -40.77 -3.70
CA GLN A 451 3.71 -41.40 -2.40
C GLN A 451 4.50 -40.52 -1.42
N ARG A 452 5.62 -39.97 -1.89
CA ARG A 452 6.42 -39.09 -1.05
C ARG A 452 5.55 -37.97 -0.49
N ASN A 453 4.76 -37.34 -1.36
CA ASN A 453 3.93 -36.22 -0.96
C ASN A 453 2.76 -36.60 -0.03
N ARG A 454 2.09 -37.71 -0.33
CA ARG A 454 1.04 -38.21 0.53
C ARG A 454 1.59 -38.42 1.93
N GLU A 455 2.80 -38.96 1.99
CA GLU A 455 3.42 -39.30 3.26
C GLU A 455 3.70 -38.06 4.08
N ILE A 456 4.23 -37.04 3.42
CA ILE A 456 4.51 -35.80 4.12
C ILE A 456 3.19 -35.26 4.68
N LEU A 457 2.20 -35.06 3.80
CA LEU A 457 0.89 -34.59 4.20
C LEU A 457 0.33 -35.41 5.37
N ASP A 458 0.43 -36.73 5.28
CA ASP A 458 -0.11 -37.62 6.32
C ASP A 458 0.59 -37.48 7.67
N GLU A 459 1.92 -37.41 7.64
CA GLU A 459 2.70 -37.23 8.86
C GLU A 459 2.40 -35.88 9.48
N SER A 460 2.26 -34.86 8.65
CA SER A 460 1.91 -33.54 9.12
C SER A 460 0.59 -33.55 9.89
N LEU A 461 -0.44 -34.15 9.31
CA LEU A 461 -1.74 -34.17 9.94
C LEU A 461 -1.75 -35.07 11.17
N ARG A 462 -0.94 -36.11 11.16
CA ARG A 462 -0.86 -37.02 12.31
C ARG A 462 -0.32 -36.32 13.57
N LEU A 463 0.66 -35.45 13.38
CA LEU A 463 1.18 -34.61 14.44
C LEU A 463 0.03 -33.89 15.13
N LEU A 464 -0.74 -33.16 14.33
CA LEU A 464 -1.89 -32.44 14.84
C LEU A 464 -2.84 -33.38 15.57
N ASP A 465 -3.15 -34.53 14.97
CA ASP A 465 -4.07 -35.46 15.60
C ASP A 465 -3.58 -35.98 16.95
N GLU A 466 -2.31 -36.33 17.01
CA GLU A 466 -1.74 -36.89 18.23
C GLU A 466 -1.74 -35.89 19.39
N GLU A 467 -1.23 -34.69 19.16
CA GLU A 467 -1.21 -33.68 20.19
C GLU A 467 -2.65 -33.39 20.65
N GLU A 468 -3.55 -33.15 19.71
CA GLU A 468 -4.95 -32.91 20.03
C GLU A 468 -5.49 -34.00 20.96
N ALA A 469 -5.18 -35.24 20.64
CA ALA A 469 -5.65 -36.36 21.44
C ALA A 469 -5.25 -36.23 22.90
N THR A 470 -3.99 -35.85 23.17
CA THR A 470 -3.56 -35.68 24.55
C THR A 470 -4.15 -34.39 25.13
N ASP A 471 -4.26 -33.35 24.31
CA ASP A 471 -4.87 -32.10 24.77
C ASP A 471 -6.27 -32.39 25.33
N ASN A 472 -7.08 -33.16 24.59
CA ASN A 472 -8.44 -33.53 25.03
C ASN A 472 -8.44 -34.35 26.30
N ASP A 473 -7.52 -35.31 26.40
CA ASP A 473 -7.39 -36.09 27.63
C ASP A 473 -7.07 -35.20 28.83
N LEU A 474 -6.13 -34.28 28.65
CA LEU A 474 -5.65 -33.45 29.76
C LEU A 474 -6.78 -32.56 30.26
N ARG A 475 -7.58 -32.04 29.33
CA ARG A 475 -8.67 -31.16 29.70
C ARG A 475 -9.76 -31.95 30.42
N ALA A 476 -9.95 -33.19 29.99
CA ALA A 476 -10.95 -34.04 30.61
C ALA A 476 -10.60 -34.41 32.06
N LYS A 477 -9.31 -34.63 32.34
CA LYS A 477 -8.89 -35.09 33.66
C LYS A 477 -8.50 -33.96 34.59
N PHE A 478 -8.04 -32.85 34.02
CA PHE A 478 -7.60 -31.69 34.82
C PHE A 478 -8.29 -30.41 34.40
N LYS A 479 -9.62 -30.42 34.40
CA LYS A 479 -10.39 -29.23 34.07
C LYS A 479 -9.82 -27.92 34.65
N GLU A 480 -9.52 -27.91 35.95
CA GLU A 480 -9.01 -26.68 36.58
C GLU A 480 -7.59 -26.38 36.11
N ARG A 481 -6.78 -27.41 35.96
CA ARG A 481 -5.36 -27.21 35.68
C ARG A 481 -5.03 -27.16 34.20
N TRP A 482 -5.94 -27.66 33.38
CA TRP A 482 -5.69 -27.63 31.94
C TRP A 482 -6.77 -26.79 31.28
N GLN A 483 -6.55 -25.49 31.27
CA GLN A 483 -7.49 -24.55 30.69
C GLN A 483 -6.76 -23.76 29.62
N ARG A 484 -6.93 -24.20 28.38
CA ARG A 484 -6.29 -23.56 27.25
C ARG A 484 -7.32 -23.60 26.14
N THR A 485 -7.14 -22.77 25.13
CA THR A 485 -7.92 -22.92 23.93
C THR A 485 -7.60 -24.34 23.45
N PRO A 486 -8.65 -25.14 23.19
CA PRO A 486 -8.54 -26.53 22.76
C PRO A 486 -7.75 -26.66 21.45
N SER A 487 -6.85 -27.63 21.37
CA SER A 487 -6.07 -27.83 20.16
C SER A 487 -6.98 -27.89 18.95
N ASN A 488 -8.08 -28.60 19.09
CA ASN A 488 -9.06 -28.71 18.03
C ASN A 488 -9.35 -27.37 17.37
N GLU A 489 -9.62 -26.36 18.19
CA GLU A 489 -9.91 -25.02 17.68
C GLU A 489 -8.70 -24.40 17.00
N LEU A 490 -7.56 -24.48 17.64
CA LEU A 490 -6.34 -23.87 17.14
C LEU A 490 -5.93 -24.46 15.77
N TYR A 491 -6.29 -25.72 15.55
CA TYR A 491 -5.75 -26.47 14.41
C TYR A 491 -6.62 -26.39 13.16
N LYS A 492 -7.83 -25.86 13.30
CA LYS A 492 -8.75 -25.78 12.17
C LYS A 492 -8.16 -25.13 10.89
N PRO A 493 -7.38 -24.04 11.05
CA PRO A 493 -6.71 -23.43 9.88
C PRO A 493 -5.78 -24.41 9.16
N LEU A 494 -4.82 -24.98 9.89
CA LEU A 494 -3.87 -25.88 9.28
C LEU A 494 -4.55 -27.10 8.65
N ARG A 495 -5.63 -27.57 9.26
CA ARG A 495 -6.37 -28.68 8.71
C ARG A 495 -7.15 -28.29 7.47
N ALA A 496 -7.45 -26.99 7.34
CA ALA A 496 -8.08 -26.46 6.15
C ALA A 496 -7.07 -26.47 4.99
N GLU A 497 -5.81 -26.14 5.28
CA GLU A 497 -4.76 -26.33 4.30
C GLU A 497 -4.71 -27.81 3.92
N GLY A 498 -4.46 -28.66 4.91
CA GLY A 498 -4.47 -30.09 4.73
C GLY A 498 -5.48 -30.56 3.70
N THR A 499 -6.74 -30.16 3.86
CA THR A 499 -7.80 -30.63 2.97
C THR A 499 -7.63 -30.11 1.55
N ASN A 500 -7.07 -28.92 1.40
CA ASN A 500 -6.77 -28.42 0.06
C ASN A 500 -5.65 -29.22 -0.59
N PHE A 501 -4.53 -29.35 0.11
CA PHE A 501 -3.44 -30.20 -0.36
C PHE A 501 -3.99 -31.54 -0.83
N ARG A 502 -4.88 -32.12 -0.02
CA ARG A 502 -5.45 -33.41 -0.33
C ARG A 502 -6.23 -33.35 -1.66
N THR A 503 -6.94 -32.25 -1.87
CA THR A 503 -7.70 -32.02 -3.10
C THR A 503 -6.78 -31.97 -4.31
N VAL A 504 -5.64 -31.30 -4.17
CA VAL A 504 -4.69 -31.25 -5.26
C VAL A 504 -4.17 -32.66 -5.60
N LEU A 505 -3.78 -33.41 -4.56
CA LEU A 505 -3.25 -34.74 -4.74
C LEU A 505 -4.23 -35.63 -5.50
N ASP A 506 -5.50 -35.50 -5.16
CA ASP A 506 -6.54 -36.28 -5.83
C ASP A 506 -6.56 -36.01 -7.33
N LYS A 507 -6.39 -34.74 -7.70
CA LYS A 507 -6.29 -34.34 -9.10
C LYS A 507 -5.00 -34.83 -9.76
N ALA A 508 -3.90 -34.81 -9.01
CA ALA A 508 -2.62 -35.19 -9.57
C ALA A 508 -2.70 -36.66 -9.98
N VAL A 509 -3.27 -37.48 -9.11
CA VAL A 509 -3.52 -38.89 -9.42
C VAL A 509 -4.24 -39.04 -10.77
N GLN A 510 -5.25 -38.21 -11.02
CA GLN A 510 -6.02 -38.28 -12.27
C GLN A 510 -5.18 -37.84 -13.45
N ALA A 511 -4.41 -36.78 -13.27
CA ALA A 511 -3.45 -36.39 -14.30
C ALA A 511 -2.48 -37.55 -14.61
N ASP A 512 -2.02 -38.27 -13.59
CA ASP A 512 -1.14 -39.41 -13.80
C ASP A 512 -1.79 -40.52 -14.62
N GLY A 513 -3.04 -40.85 -14.28
CA GLY A 513 -3.73 -41.95 -14.93
C GLY A 513 -3.92 -41.65 -16.40
N GLN A 514 -4.07 -40.36 -16.71
CA GLN A 514 -4.25 -39.93 -18.08
C GLN A 514 -2.97 -40.07 -18.89
N VAL A 515 -1.87 -39.59 -18.32
CA VAL A 515 -0.58 -39.68 -18.99
C VAL A 515 -0.16 -41.15 -19.15
N LYS A 516 -0.44 -41.95 -18.14
CA LYS A 516 -0.10 -43.37 -18.16
C LYS A 516 -0.83 -44.06 -19.33
N GLU A 517 -2.17 -44.00 -19.32
CA GLU A 517 -2.97 -44.56 -20.39
C GLU A 517 -2.48 -44.10 -21.76
N CYS A 518 -2.13 -42.83 -21.86
CA CYS A 518 -1.66 -42.30 -23.14
C CYS A 518 -0.28 -42.86 -23.53
N TYR A 519 0.56 -43.09 -22.53
CA TYR A 519 1.86 -43.70 -22.73
C TYR A 519 1.80 -45.18 -23.13
N GLN A 520 0.91 -45.95 -22.50
CA GLN A 520 0.79 -47.36 -22.87
C GLN A 520 0.13 -47.50 -24.24
N SER A 521 -0.63 -46.49 -24.63
CA SER A 521 -1.26 -46.46 -25.94
C SER A 521 -0.28 -46.08 -27.05
N HIS A 522 0.87 -45.53 -26.70
CA HIS A 522 1.84 -45.24 -27.75
C HIS A 522 3.22 -45.88 -27.58
N ARG A 523 3.45 -46.59 -26.48
CA ARG A 523 4.77 -47.19 -26.24
C ARG A 523 5.31 -48.02 -27.41
N ASP A 524 4.48 -48.91 -27.95
CA ASP A 524 4.97 -49.86 -28.96
C ASP A 524 5.56 -49.15 -30.18
N THR A 525 4.83 -48.18 -30.71
CA THR A 525 5.28 -47.50 -31.92
C THR A 525 6.54 -46.68 -31.64
N ILE A 526 6.63 -46.10 -30.45
CA ILE A 526 7.84 -45.41 -30.06
C ILE A 526 9.05 -46.36 -29.94
N VAL A 527 8.83 -47.53 -29.34
CA VAL A 527 9.88 -48.58 -29.32
C VAL A 527 10.42 -48.86 -30.73
N LEU A 528 9.51 -49.00 -31.68
CA LEU A 528 9.89 -49.18 -33.07
C LEU A 528 10.73 -47.98 -33.56
N LEU A 529 10.22 -46.77 -33.32
CA LEU A 529 10.91 -45.60 -33.84
C LEU A 529 12.39 -45.61 -33.44
N CYS A 530 12.67 -46.10 -32.25
CA CYS A 530 14.02 -46.10 -31.67
C CYS A 530 14.94 -47.23 -32.10
N LYS A 531 14.52 -48.08 -33.03
CA LYS A 531 15.38 -49.16 -33.48
C LYS A 531 16.55 -48.62 -34.31
N PRO A 532 17.72 -49.26 -34.22
CA PRO A 532 18.81 -48.96 -35.15
C PRO A 532 18.23 -48.96 -36.55
N GLU A 533 18.81 -48.18 -37.45
CA GLU A 533 18.18 -47.90 -38.73
C GLU A 533 17.85 -49.15 -39.61
N PRO A 534 18.71 -50.17 -39.60
CA PRO A 534 18.45 -51.34 -40.47
C PRO A 534 17.27 -52.15 -39.97
N GLU A 535 17.27 -52.45 -38.69
CA GLU A 535 16.13 -53.06 -38.01
C GLU A 535 14.85 -52.24 -38.13
N LEU A 536 14.97 -50.91 -38.11
CA LEU A 536 13.80 -50.08 -38.25
C LEU A 536 13.30 -50.16 -39.69
N ASN A 537 14.22 -50.11 -40.63
CA ASN A 537 13.84 -50.25 -42.02
C ASN A 537 13.16 -51.59 -42.33
N ALA A 538 13.64 -52.65 -41.67
CA ALA A 538 13.15 -53.99 -41.94
C ALA A 538 11.70 -54.17 -41.48
N ALA A 539 11.29 -53.34 -40.52
CA ALA A 539 9.95 -53.45 -39.96
C ALA A 539 8.99 -52.51 -40.68
N ILE A 540 9.51 -51.77 -41.64
CA ILE A 540 8.70 -50.80 -42.39
C ILE A 540 8.37 -51.35 -43.78
N PRO A 541 7.09 -51.68 -44.02
CA PRO A 541 6.74 -52.40 -45.25
C PRO A 541 7.14 -51.61 -46.49
N SER A 542 7.75 -52.29 -47.46
CA SER A 542 8.15 -51.65 -48.71
C SER A 542 6.98 -51.52 -49.69
N ALA A 543 7.20 -50.77 -50.75
CA ALA A 543 6.19 -50.49 -51.76
C ALA A 543 6.90 -50.01 -53.02
N ASN A 544 6.16 -49.91 -54.11
CA ASN A 544 6.74 -49.42 -55.34
C ASN A 544 6.77 -47.90 -55.29
N PRO A 545 7.80 -47.31 -55.87
CA PRO A 545 7.90 -45.85 -56.06
C PRO A 545 7.29 -45.41 -57.38
N ALA A 546 7.04 -44.11 -57.52
CA ALA A 546 6.58 -43.54 -58.79
C ALA A 546 7.45 -42.36 -59.16
N LYS A 547 7.97 -42.35 -60.39
CA LYS A 547 8.90 -41.32 -60.84
C LYS A 547 8.25 -39.93 -60.87
N THR A 548 6.94 -39.90 -60.69
CA THR A 548 6.23 -38.65 -60.56
C THR A 548 6.79 -37.89 -59.36
N MET A 549 7.72 -38.54 -58.66
CA MET A 549 8.40 -37.94 -57.52
C MET A 549 9.54 -37.03 -57.97
N GLN A 550 10.20 -37.41 -59.07
CA GLN A 550 11.38 -36.67 -59.54
C GLN A 550 11.01 -35.47 -60.42
N GLY A 551 10.90 -34.30 -59.81
CA GLY A 551 10.72 -33.06 -60.56
C GLY A 551 9.30 -32.52 -60.61
N SER A 552 8.32 -33.36 -60.28
CA SER A 552 6.92 -32.94 -60.31
C SER A 552 6.69 -31.58 -59.63
N GLU A 553 5.73 -30.84 -60.17
CA GLU A 553 5.37 -29.52 -59.65
C GLU A 553 4.76 -29.56 -58.25
N VAL A 554 3.71 -30.35 -58.07
CA VAL A 554 3.06 -30.47 -56.77
C VAL A 554 4.06 -30.77 -55.66
N VAL A 555 5.09 -31.55 -55.98
CA VAL A 555 6.10 -31.93 -55.00
C VAL A 555 6.92 -30.72 -54.54
N ASN A 556 7.40 -29.93 -55.50
CA ASN A 556 8.13 -28.72 -55.17
C ASN A 556 7.27 -27.68 -54.46
N VAL A 557 6.02 -27.50 -54.89
CA VAL A 557 5.10 -26.59 -54.22
C VAL A 557 4.90 -27.03 -52.77
N LEU A 558 4.58 -28.30 -52.61
CA LEU A 558 4.35 -28.86 -51.28
C LEU A 558 5.61 -28.71 -50.42
N LYS A 559 6.76 -28.95 -51.03
CA LYS A 559 8.03 -28.89 -50.32
C LYS A 559 8.32 -27.48 -49.78
N SER A 560 8.08 -26.47 -50.59
CA SER A 560 8.31 -25.11 -50.17
C SER A 560 7.34 -24.74 -49.05
N LEU A 561 6.06 -25.06 -49.23
CA LEU A 561 5.07 -24.87 -48.16
C LEU A 561 5.58 -25.50 -46.87
N LEU A 562 6.03 -26.76 -46.97
CA LEU A 562 6.53 -27.48 -45.80
C LEU A 562 7.79 -26.86 -45.19
N SER A 563 8.69 -26.36 -46.03
CA SER A 563 9.90 -25.71 -45.54
C SER A 563 9.56 -24.45 -44.74
N ASN A 564 8.64 -23.66 -45.27
CA ASN A 564 8.18 -22.44 -44.63
C ASN A 564 7.47 -22.73 -43.31
N LEU A 565 6.53 -23.68 -43.34
CA LEU A 565 5.87 -24.10 -42.12
C LEU A 565 6.88 -24.52 -41.08
N ASP A 566 7.94 -25.20 -41.53
CA ASP A 566 9.00 -25.58 -40.61
C ASP A 566 9.72 -24.37 -39.99
N GLU A 567 9.90 -23.32 -40.80
CA GLU A 567 10.56 -22.11 -40.35
C GLU A 567 9.66 -21.38 -39.36
N VAL A 568 8.36 -21.41 -39.63
CA VAL A 568 7.34 -20.89 -38.73
C VAL A 568 7.42 -21.53 -37.35
N LYS A 569 7.60 -22.85 -37.28
CA LYS A 569 7.58 -23.49 -35.97
C LYS A 569 8.92 -23.45 -35.23
N LYS A 570 10.02 -23.38 -35.99
CA LYS A 570 11.34 -23.24 -35.39
C LYS A 570 11.54 -21.84 -34.81
N GLU A 571 10.84 -20.88 -35.40
CA GLU A 571 10.91 -19.50 -34.96
C GLU A 571 10.20 -19.35 -33.59
N ARG A 572 9.15 -20.13 -33.39
CA ARG A 572 8.39 -20.14 -32.15
C ARG A 572 9.26 -20.44 -30.94
N GLU A 573 10.37 -21.14 -31.16
CA GLU A 573 11.27 -21.46 -30.06
C GLU A 573 11.94 -20.20 -29.51
N GLY A 574 12.50 -19.38 -30.41
CA GLY A 574 13.15 -18.15 -30.05
C GLY A 574 12.19 -17.13 -29.47
N LEU A 575 10.99 -17.08 -30.03
CA LEU A 575 9.95 -16.20 -29.52
C LEU A 575 9.56 -16.55 -28.09
N GLU A 576 9.30 -17.82 -27.84
CA GLU A 576 8.93 -18.21 -26.49
C GLU A 576 10.05 -17.87 -25.52
N ASN A 577 11.29 -18.09 -25.94
CA ASN A 577 12.44 -17.87 -25.07
C ASN A 577 12.68 -16.38 -24.81
N ASP A 578 12.44 -15.56 -25.83
CA ASP A 578 12.60 -14.12 -25.67
C ASP A 578 11.48 -13.57 -24.78
N LEU A 579 10.29 -14.14 -24.91
CA LEU A 579 9.18 -13.80 -24.03
C LEU A 579 9.59 -14.00 -22.57
N LYS A 580 10.18 -15.15 -22.28
CA LYS A 580 10.49 -15.55 -20.90
C LYS A 580 11.74 -14.90 -20.33
N SER A 581 12.68 -14.52 -21.20
CA SER A 581 13.99 -14.06 -20.74
C SER A 581 14.02 -12.56 -20.38
N VAL A 582 13.03 -11.82 -20.85
CA VAL A 582 12.96 -10.40 -20.61
C VAL A 582 12.15 -10.09 -19.36
N ASN A 583 12.50 -8.99 -18.71
CA ASN A 583 11.58 -8.33 -17.80
C ASN A 583 11.94 -6.89 -17.41
N PHE A 584 10.89 -6.14 -17.13
CA PHE A 584 11.01 -4.77 -16.68
C PHE A 584 10.62 -4.69 -15.23
N ASP A 585 11.53 -4.15 -14.42
CA ASP A 585 11.25 -3.79 -13.05
C ASP A 585 10.48 -2.47 -13.12
N MET A 586 9.26 -2.46 -12.57
CA MET A 586 8.35 -1.33 -12.74
C MET A 586 8.35 -0.41 -11.52
N THR A 587 9.24 -0.69 -10.57
CA THR A 587 9.22 0.01 -9.29
C THR A 587 9.38 1.51 -9.52
N SER A 588 10.46 1.88 -10.22
CA SER A 588 10.71 3.27 -10.59
C SER A 588 9.56 3.95 -11.29
N LYS A 589 8.97 3.28 -12.28
CA LYS A 589 7.86 3.88 -13.02
C LYS A 589 6.71 4.20 -12.07
N PHE A 590 6.54 3.36 -11.06
CA PHE A 590 5.47 3.57 -10.10
C PHE A 590 5.81 4.68 -9.09
N LEU A 591 7.02 4.64 -8.54
CA LEU A 591 7.49 5.67 -7.63
C LEU A 591 7.48 7.04 -8.28
N THR A 592 7.87 7.10 -9.55
CA THR A 592 7.84 8.36 -10.25
C THR A 592 6.40 8.86 -10.28
N ALA A 593 5.50 8.03 -10.81
CA ALA A 593 4.09 8.38 -10.81
C ALA A 593 3.62 8.86 -9.43
N LEU A 594 4.11 8.23 -8.36
CA LEU A 594 3.67 8.60 -7.02
C LEU A 594 4.28 9.89 -6.45
N ALA A 595 5.54 10.18 -6.79
CA ALA A 595 6.19 11.39 -6.30
C ALA A 595 5.79 12.57 -7.16
N GLN A 596 5.71 12.33 -8.46
CA GLN A 596 5.31 13.35 -9.41
C GLN A 596 3.84 13.72 -9.21
N ASP A 597 3.06 12.77 -8.74
CA ASP A 597 1.61 12.91 -8.66
C ASP A 597 1.11 12.49 -7.30
N GLY A 598 -0.19 12.62 -7.09
CA GLY A 598 -0.78 12.24 -5.82
C GLY A 598 -1.14 10.77 -5.78
N VAL A 599 -1.43 10.20 -6.94
CA VAL A 599 -1.95 8.84 -7.03
C VAL A 599 -1.22 8.01 -8.07
N ILE A 600 -1.46 6.70 -8.04
CA ILE A 600 -0.89 5.75 -8.99
C ILE A 600 -1.99 5.07 -9.80
N ASN A 601 -1.99 5.27 -11.11
CA ASN A 601 -2.82 4.41 -11.96
C ASN A 601 -1.96 3.44 -12.77
N GLU A 602 -1.83 2.22 -12.26
CA GLU A 602 -0.98 1.23 -12.91
C GLU A 602 -1.55 0.72 -14.23
N GLU A 603 -2.87 0.54 -14.29
CA GLU A 603 -3.48 -0.05 -15.49
C GLU A 603 -2.96 0.58 -16.78
N ALA A 604 -3.07 1.89 -16.87
CA ALA A 604 -2.61 2.61 -18.06
C ALA A 604 -1.10 2.54 -18.19
N LEU A 605 -0.44 2.46 -17.04
CA LEU A 605 1.02 2.38 -16.99
C LEU A 605 1.51 0.98 -17.39
N SER A 606 1.04 -0.03 -16.69
CA SER A 606 1.33 -1.42 -17.02
C SER A 606 1.14 -1.67 -18.51
N VAL A 607 -0.10 -1.49 -18.97
CA VAL A 607 -0.42 -1.62 -20.40
C VAL A 607 0.63 -0.95 -21.27
N THR A 608 1.04 0.25 -20.91
CA THR A 608 1.95 1.03 -21.74
C THR A 608 3.36 0.46 -21.77
N GLU A 609 3.84 -0.02 -20.64
CA GLU A 609 5.15 -0.61 -20.57
C GLU A 609 5.15 -2.01 -21.18
N LEU A 610 4.17 -2.82 -20.81
CA LEU A 610 4.01 -4.15 -21.42
C LEU A 610 4.12 -4.04 -22.92
N ASP A 611 3.33 -3.12 -23.49
CA ASP A 611 3.29 -2.89 -24.93
C ASP A 611 4.68 -2.60 -25.50
N ARG A 612 5.50 -1.88 -24.73
CA ARG A 612 6.84 -1.49 -25.18
C ARG A 612 7.85 -2.62 -25.04
N VAL A 613 7.71 -3.41 -23.99
CA VAL A 613 8.65 -4.49 -23.72
C VAL A 613 8.33 -5.74 -24.55
N TYR A 614 7.04 -6.01 -24.71
CA TYR A 614 6.59 -7.29 -25.24
C TYR A 614 5.84 -7.16 -26.56
N GLY A 615 5.71 -5.95 -27.05
CA GLY A 615 4.87 -5.68 -28.20
C GLY A 615 5.42 -6.17 -29.52
N GLY A 616 6.74 -6.07 -29.70
CA GLY A 616 7.36 -6.61 -30.89
C GLY A 616 7.08 -8.11 -30.96
N LEU A 617 7.29 -8.76 -29.83
CA LEU A 617 7.13 -10.20 -29.70
C LEU A 617 5.67 -10.62 -29.87
N THR A 618 4.77 -10.08 -29.05
CA THR A 618 3.36 -10.42 -29.15
C THR A 618 2.87 -10.23 -30.57
N THR A 619 3.46 -9.26 -31.26
CA THR A 619 3.10 -9.03 -32.66
C THR A 619 3.56 -10.18 -33.54
N LYS A 620 4.82 -10.58 -33.38
CA LYS A 620 5.39 -11.65 -34.16
C LYS A 620 4.68 -12.98 -33.91
N VAL A 621 4.39 -13.25 -32.64
CA VAL A 621 3.59 -14.39 -32.26
C VAL A 621 2.28 -14.44 -33.07
N GLN A 622 1.57 -13.31 -33.10
CA GLN A 622 0.33 -13.21 -33.87
C GLN A 622 0.53 -13.50 -35.36
N GLU A 623 1.70 -13.13 -35.87
CA GLU A 623 2.03 -13.38 -37.27
C GLU A 623 2.21 -14.88 -37.51
N SER A 624 2.94 -15.55 -36.63
CA SER A 624 3.07 -17.00 -36.69
C SER A 624 1.70 -17.63 -36.94
N LEU A 625 0.76 -17.39 -36.03
CA LEU A 625 -0.57 -17.99 -36.11
C LEU A 625 -1.26 -17.79 -37.46
N LYS A 626 -1.43 -16.54 -37.87
CA LYS A 626 -2.06 -16.25 -39.16
C LYS A 626 -1.25 -16.84 -40.33
N LYS A 627 0.07 -16.82 -40.20
CA LYS A 627 0.95 -17.37 -41.23
C LYS A 627 0.78 -18.90 -41.32
N GLN A 628 0.72 -19.56 -40.17
CA GLN A 628 0.44 -20.99 -40.18
C GLN A 628 -0.90 -21.25 -40.86
N GLU A 629 -1.92 -20.50 -40.46
CA GLU A 629 -3.27 -20.66 -41.03
C GLU A 629 -3.21 -20.71 -42.54
N GLY A 630 -2.57 -19.71 -43.14
CA GLY A 630 -2.40 -19.67 -44.58
C GLY A 630 -1.72 -20.93 -45.08
N LEU A 631 -0.66 -21.35 -44.39
CA LEU A 631 0.12 -22.50 -44.80
C LEU A 631 -0.69 -23.80 -44.79
N LEU A 632 -1.45 -24.03 -43.72
CA LEU A 632 -2.26 -25.24 -43.59
C LEU A 632 -3.33 -25.38 -44.67
N LYS A 633 -4.03 -24.29 -44.97
CA LYS A 633 -4.99 -24.30 -46.07
C LYS A 633 -4.29 -24.69 -47.37
N ASN A 634 -3.17 -24.03 -47.66
CA ASN A 634 -2.42 -24.30 -48.89
C ASN A 634 -1.90 -25.72 -49.05
N ILE A 635 -1.29 -26.27 -48.00
CA ILE A 635 -0.80 -27.65 -48.06
C ILE A 635 -1.95 -28.65 -48.15
N GLN A 636 -3.05 -28.35 -47.46
CA GLN A 636 -4.26 -29.16 -47.50
C GLN A 636 -4.77 -29.36 -48.93
N VAL A 637 -4.77 -28.27 -49.69
CA VAL A 637 -5.25 -28.25 -51.08
C VAL A 637 -4.22 -28.87 -52.01
N SER A 638 -2.95 -28.60 -51.75
CA SER A 638 -1.88 -29.10 -52.59
C SER A 638 -1.72 -30.61 -52.42
N HIS A 639 -1.89 -31.10 -51.19
CA HIS A 639 -1.79 -32.52 -50.96
C HIS A 639 -2.88 -33.30 -51.70
N GLN A 640 -4.13 -32.90 -51.49
CA GLN A 640 -5.25 -33.59 -52.13
C GLN A 640 -5.01 -33.66 -53.63
N GLU A 641 -4.24 -32.71 -54.15
CA GLU A 641 -3.82 -32.77 -55.54
C GLU A 641 -2.70 -33.80 -55.67
N PHE A 642 -1.70 -33.68 -54.80
CA PHE A 642 -0.64 -34.68 -54.77
C PHE A 642 -1.22 -36.09 -54.63
N SER A 643 -2.41 -36.17 -54.03
CA SER A 643 -3.11 -37.44 -53.83
C SER A 643 -3.56 -38.09 -55.14
N LYS A 644 -4.06 -37.29 -56.06
CA LYS A 644 -4.47 -37.81 -57.36
C LYS A 644 -3.28 -38.52 -58.04
N MET A 645 -2.13 -37.86 -57.99
CA MET A 645 -0.91 -38.39 -58.60
C MET A 645 -0.55 -39.78 -58.10
N LYS A 646 -0.55 -39.98 -56.78
CA LYS A 646 -0.16 -41.27 -56.21
C LYS A 646 -1.19 -42.37 -56.51
N GLN A 647 -0.81 -43.61 -56.24
CA GLN A 647 -1.66 -44.75 -56.54
C GLN A 647 -2.00 -45.61 -55.33
N SER A 648 -3.27 -45.99 -55.22
CA SER A 648 -3.73 -46.77 -54.07
C SER A 648 -3.71 -48.29 -54.32
N ASN A 649 -2.82 -48.96 -53.63
CA ASN A 649 -2.77 -50.42 -53.55
C ASN A 649 -2.42 -50.77 -52.11
N ASN A 650 -2.73 -52.00 -51.70
CA ASN A 650 -2.57 -52.42 -50.31
C ASN A 650 -1.13 -52.33 -49.78
N GLU A 651 -0.17 -52.42 -50.69
CA GLU A 651 1.26 -52.38 -50.41
C GLU A 651 1.65 -50.96 -49.98
N ALA A 652 1.31 -50.01 -50.85
CA ALA A 652 1.59 -48.61 -50.58
C ALA A 652 0.74 -48.15 -49.40
N ASN A 653 -0.50 -48.62 -49.34
CA ASN A 653 -1.39 -48.31 -48.24
C ASN A 653 -0.74 -48.68 -46.91
N LEU A 654 -0.20 -49.90 -46.86
CA LEU A 654 0.44 -50.41 -45.65
C LEU A 654 1.68 -49.59 -45.26
N ARG A 655 2.50 -49.23 -46.24
CA ARG A 655 3.67 -48.42 -45.98
C ARG A 655 3.25 -47.06 -45.39
N GLU A 656 2.28 -46.44 -46.06
CA GLU A 656 1.75 -45.16 -45.65
C GLU A 656 1.24 -45.20 -44.23
N GLU A 657 0.57 -46.29 -43.86
CA GLU A 657 0.05 -46.40 -42.50
C GLU A 657 1.21 -46.42 -41.52
N VAL A 658 2.25 -47.18 -41.83
CA VAL A 658 3.37 -47.25 -40.90
C VAL A 658 4.14 -45.90 -40.76
N LEU A 659 4.39 -45.23 -41.88
CA LEU A 659 5.02 -43.92 -41.88
C LEU A 659 4.21 -42.91 -41.08
N LYS A 660 2.93 -42.73 -41.44
CA LYS A 660 2.05 -41.94 -40.61
C LYS A 660 2.19 -42.26 -39.13
N ASN A 661 2.15 -43.53 -38.76
CA ASN A 661 2.23 -43.91 -37.35
C ASN A 661 3.59 -43.60 -36.74
N LEU A 662 4.64 -43.72 -37.55
CA LEU A 662 5.97 -43.38 -37.07
C LEU A 662 6.12 -41.87 -36.79
N ALA A 663 5.52 -41.00 -37.62
CA ALA A 663 5.60 -39.55 -37.38
C ALA A 663 4.80 -39.21 -36.11
N THR A 664 3.59 -39.73 -36.04
CA THR A 664 2.77 -39.61 -34.85
C THR A 664 3.48 -40.10 -33.58
N ALA A 665 4.29 -41.14 -33.70
CA ALA A 665 5.00 -41.64 -32.51
C ALA A 665 6.07 -40.66 -32.07
N TYR A 666 6.63 -39.91 -33.00
CA TYR A 666 7.63 -38.92 -32.64
C TYR A 666 6.98 -37.78 -31.84
N ASP A 667 5.91 -37.19 -32.39
CA ASP A 667 5.14 -36.17 -31.69
C ASP A 667 4.67 -36.68 -30.34
N ASN A 668 4.20 -37.92 -30.28
CA ASN A 668 3.79 -38.48 -29.00
C ASN A 668 4.93 -38.56 -28.00
N PHE A 669 6.10 -38.96 -28.46
CA PHE A 669 7.26 -38.99 -27.58
C PHE A 669 7.60 -37.57 -27.11
N VAL A 670 7.51 -36.59 -27.99
CA VAL A 670 7.79 -35.22 -27.61
C VAL A 670 6.82 -34.73 -26.52
N GLU A 671 5.51 -34.81 -26.79
CA GLU A 671 4.47 -34.43 -25.83
C GLU A 671 4.58 -35.14 -24.47
N LEU A 672 4.81 -36.46 -24.51
CA LEU A 672 4.89 -37.30 -23.32
C LEU A 672 6.01 -36.89 -22.38
N VAL A 673 7.20 -36.76 -22.93
CA VAL A 673 8.33 -36.30 -22.14
C VAL A 673 8.04 -34.95 -21.50
N ALA A 674 7.38 -34.06 -22.24
CA ALA A 674 7.13 -32.71 -21.73
C ALA A 674 6.04 -32.73 -20.67
N ASN A 675 4.95 -33.44 -20.94
CA ASN A 675 3.91 -33.58 -19.93
C ASN A 675 4.40 -34.29 -18.67
N LEU A 676 5.35 -35.21 -18.84
CA LEU A 676 5.85 -35.92 -17.68
C LEU A 676 6.81 -35.08 -16.86
N LYS A 677 7.65 -34.29 -17.53
CA LYS A 677 8.60 -33.44 -16.83
C LYS A 677 7.87 -32.29 -16.11
N GLU A 678 6.74 -31.87 -16.67
CA GLU A 678 5.84 -30.93 -16.06
C GLU A 678 5.15 -31.59 -14.86
N GLY A 679 4.85 -32.88 -14.98
CA GLY A 679 4.26 -33.61 -13.86
C GLY A 679 5.23 -33.73 -12.70
N THR A 680 6.50 -33.95 -13.05
CA THR A 680 7.53 -34.23 -12.06
C THR A 680 7.91 -32.97 -11.30
N LYS A 681 7.92 -31.86 -12.03
CA LYS A 681 8.23 -30.57 -11.47
C LYS A 681 7.13 -30.25 -10.47
N PHE A 682 5.89 -30.45 -10.88
CA PHE A 682 4.78 -30.26 -9.96
C PHE A 682 4.98 -31.05 -8.67
N TYR A 683 5.20 -32.36 -8.76
CA TYR A 683 5.44 -33.18 -7.57
C TYR A 683 6.66 -32.76 -6.75
N ASN A 684 7.71 -32.30 -7.42
CA ASN A 684 8.89 -31.84 -6.71
C ASN A 684 8.67 -30.50 -5.99
N GLU A 685 7.96 -29.58 -6.63
CA GLU A 685 7.61 -28.30 -6.00
C GLU A 685 6.61 -28.50 -4.89
N LEU A 686 5.67 -29.40 -5.11
CA LEU A 686 4.70 -29.77 -4.08
C LEU A 686 5.39 -30.34 -2.86
N THR A 687 6.54 -30.99 -3.04
CA THR A 687 7.26 -31.52 -1.91
C THR A 687 7.86 -30.39 -1.05
N GLU A 688 8.38 -29.37 -1.72
CA GLU A 688 8.93 -28.21 -1.03
C GLU A 688 7.87 -27.50 -0.20
N ILE A 689 6.66 -27.42 -0.75
CA ILE A 689 5.59 -26.75 -0.04
C ILE A 689 5.11 -27.61 1.13
N LEU A 690 4.91 -28.90 0.88
CA LEU A 690 4.53 -29.83 1.94
C LEU A 690 5.56 -29.94 3.08
N VAL A 691 6.82 -29.69 2.77
CA VAL A 691 7.86 -29.71 3.80
C VAL A 691 7.73 -28.46 4.66
N ARG A 692 7.42 -27.33 4.04
CA ARG A 692 7.12 -26.15 4.82
C ARG A 692 5.89 -26.43 5.67
N PHE A 693 4.82 -26.90 5.04
CA PHE A 693 3.61 -27.19 5.80
C PHE A 693 3.89 -28.10 7.00
N GLN A 694 4.77 -29.07 6.83
CA GLN A 694 5.08 -30.02 7.89
C GLN A 694 5.80 -29.35 9.05
N ASN A 695 6.60 -28.35 8.73
CA ASN A 695 7.28 -27.53 9.73
C ASN A 695 6.29 -26.72 10.57
N LYS A 696 5.37 -26.03 9.91
CA LYS A 696 4.30 -25.33 10.63
C LYS A 696 3.62 -26.25 11.62
N CYS A 697 3.33 -27.48 11.22
CA CYS A 697 2.65 -28.41 12.11
C CYS A 697 3.53 -28.78 13.29
N SER A 698 4.81 -28.98 13.03
CA SER A 698 5.78 -29.28 14.08
C SER A 698 5.90 -28.12 15.06
N ASP A 699 6.21 -26.95 14.52
CA ASP A 699 6.29 -25.73 15.30
C ASP A 699 5.09 -25.59 16.21
N ILE A 700 3.89 -25.60 15.63
CA ILE A 700 2.69 -25.37 16.43
C ILE A 700 2.42 -26.46 17.47
N VAL A 701 2.85 -27.69 17.20
CA VAL A 701 2.63 -28.76 18.18
C VAL A 701 3.65 -28.65 19.30
N PHE A 702 4.72 -27.91 19.07
CA PHE A 702 5.75 -27.79 20.10
C PHE A 702 5.79 -26.44 20.83
N ALA A 703 5.06 -25.44 20.31
CA ALA A 703 4.85 -24.20 21.04
C ALA A 703 3.80 -24.47 22.12
N ARG A 704 2.97 -25.46 21.86
CA ARG A 704 1.96 -25.92 22.80
C ARG A 704 2.62 -26.61 23.99
N GLU B 3 -5.80 -28.55 -21.20
CA GLU B 3 -5.78 -29.78 -21.99
C GLU B 3 -4.53 -30.62 -21.65
N LYS B 4 -3.47 -29.95 -21.23
CA LYS B 4 -2.28 -30.65 -20.74
C LYS B 4 -2.59 -31.19 -19.34
N PRO B 5 -2.32 -32.49 -19.11
CA PRO B 5 -2.79 -33.18 -17.90
C PRO B 5 -2.48 -32.49 -16.56
N TYR B 6 -1.36 -31.78 -16.48
CA TYR B 6 -0.93 -31.22 -15.20
C TYR B 6 -1.14 -29.71 -15.15
N LYS B 7 -1.83 -29.17 -16.15
CA LYS B 7 -2.00 -27.73 -16.26
C LYS B 7 -2.71 -27.15 -15.03
N GLU B 8 -3.91 -27.67 -14.79
CA GLU B 8 -4.77 -27.24 -13.70
C GLU B 8 -4.10 -27.44 -12.35
N VAL B 9 -3.53 -28.63 -12.16
CA VAL B 9 -2.84 -28.96 -10.93
C VAL B 9 -1.63 -28.04 -10.69
N THR B 10 -0.89 -27.73 -11.75
CA THR B 10 0.22 -26.76 -11.67
C THR B 10 -0.28 -25.36 -11.28
N GLU B 11 -1.47 -24.99 -11.75
CA GLU B 11 -2.05 -23.68 -11.46
C GLU B 11 -2.42 -23.59 -9.98
N ASP B 12 -3.04 -24.65 -9.47
CA ASP B 12 -3.42 -24.72 -8.07
C ASP B 12 -2.20 -24.56 -7.16
N LEU B 13 -1.05 -25.03 -7.63
CA LEU B 13 0.17 -24.99 -6.83
C LEU B 13 0.69 -23.57 -6.63
N LEU B 14 0.85 -22.83 -7.73
CA LEU B 14 1.26 -21.43 -7.64
C LEU B 14 0.40 -20.65 -6.65
N HIS B 15 -0.92 -20.75 -6.85
CA HIS B 15 -1.90 -20.17 -5.95
C HIS B 15 -1.47 -20.25 -4.47
N LEU B 16 -1.00 -21.42 -4.06
CA LEU B 16 -0.58 -21.64 -2.68
C LEU B 16 0.86 -21.19 -2.42
N ASN B 17 1.77 -21.65 -3.26
CA ASN B 17 3.19 -21.33 -3.11
C ASN B 17 3.51 -19.89 -3.44
#